data_6N6M
#
_entry.id   6N6M
#
_cell.length_a   43.926
_cell.length_b   154.070
_cell.length_c   54.916
_cell.angle_alpha   90.000
_cell.angle_beta   109.650
_cell.angle_gamma   90.000
#
_symmetry.space_group_name_H-M   'P 1 21 1'
#
loop_
_entity.id
_entity.type
_entity.pdbx_description
1 polymer 'ATP synthase SpaL/MxiB'
2 non-polymer 'SULFATE ION'
3 water water
#
_entity_poly.entity_id   1
_entity_poly.type   'polypeptide(L)'
_entity_poly.pdbx_seq_one_letter_code
;NAQFLHTQVGRGLLGAVVNPLGEVTDKFAVTDNSEILYRPVDNAPPLYSERAAIEKPFLTGIKVIDSLLTCGEGQRMGIF
ASAGCGKTFLMNMLIEHSGADIYVIGLIGEAGREVTETVDYLKNSEKKSRCVLVYATSDYSSVDRCNAAYIATAIAEFFR
TEGHKVALFIDSLTRYARALRDVALAAGESPARRGYPVSVFDSLPRLLERPGKLKAGGSITAFYTVLLEDDDFADPLAEE
VRSILDGHIYLSRNLAQKGQFPAIDSLKSISRVFTQVVDEKHRIMAAAFRELLSEIEELRTIIDFGEYKPGENASQDKIY
NKISVVESFLKQDYRLGFTYEQTMELIGETIR
;
_entity_poly.pdbx_strand_id   A,B
#
loop_
_chem_comp.id
_chem_comp.type
_chem_comp.name
_chem_comp.formula
SO4 non-polymer 'SULFATE ION' 'O4 S -2'
#
# COMPACT_ATOMS: atom_id res chain seq x y z
N LEU A 5 3.90 -6.88 31.86
CA LEU A 5 3.23 -8.01 31.22
C LEU A 5 2.11 -7.49 30.29
N HIS A 6 1.80 -6.20 30.39
CA HIS A 6 0.87 -5.51 29.50
C HIS A 6 1.51 -4.18 29.10
N THR A 7 1.27 -3.75 27.86
CA THR A 7 1.91 -2.55 27.33
C THR A 7 0.92 -1.77 26.46
N GLN A 8 1.30 -0.51 26.22
CA GLN A 8 0.53 0.34 25.33
C GLN A 8 0.72 -0.09 23.88
N VAL A 9 -0.39 -0.10 23.13
CA VAL A 9 -0.39 -0.27 21.69
C VAL A 9 -1.33 0.76 21.08
N GLY A 10 -1.36 0.82 19.75
CA GLY A 10 -2.30 1.65 19.04
C GLY A 10 -1.63 2.69 18.15
N ARG A 11 -2.46 3.31 17.32
CA ARG A 11 -1.98 4.30 16.37
C ARG A 11 -1.47 5.55 17.07
N GLY A 12 -1.85 5.76 18.32
CA GLY A 12 -1.33 6.88 19.08
C GLY A 12 0.14 6.78 19.42
N LEU A 13 0.74 5.59 19.26
CA LEU A 13 2.17 5.44 19.48
C LEU A 13 2.99 5.84 18.28
N LEU A 14 2.35 6.11 17.15
CA LEU A 14 3.07 6.47 15.94
C LEU A 14 3.76 7.81 16.13
N GLY A 15 5.07 7.79 15.94
CA GLY A 15 5.96 8.91 16.17
C GLY A 15 6.56 9.00 17.54
N ALA A 16 6.35 8.00 18.39
CA ALA A 16 6.79 8.09 19.78
C ALA A 16 7.95 7.11 20.03
N VAL A 17 8.77 7.45 21.02
CA VAL A 17 9.85 6.60 21.48
C VAL A 17 9.48 6.05 22.85
N VAL A 18 9.40 4.73 22.98
CA VAL A 18 8.91 4.09 24.19
C VAL A 18 10.06 3.34 24.86
N ASN A 19 10.14 3.46 26.18
CA ASN A 19 11.20 2.86 26.97
C ASN A 19 10.78 1.47 27.45
N PRO A 20 11.68 0.71 28.11
CA PRO A 20 11.33 -0.67 28.49
C PRO A 20 10.20 -0.80 29.50
N LEU A 21 9.64 0.29 29.99
CA LEU A 21 8.49 0.24 30.89
C LEU A 21 7.17 0.47 30.17
N GLY A 22 7.19 0.60 28.85
CA GLY A 22 5.99 0.88 28.06
C GLY A 22 5.53 2.33 28.06
N GLU A 23 6.30 3.24 28.67
CA GLU A 23 5.97 4.65 28.75
C GLU A 23 6.54 5.39 27.54
N VAL A 24 5.78 6.37 27.05
CA VAL A 24 6.31 7.25 26.02
C VAL A 24 7.16 8.33 26.69
N THR A 25 8.42 8.44 26.23
CA THR A 25 9.38 9.39 26.79
C THR A 25 9.81 10.47 25.81
N ASP A 26 9.48 10.33 24.53
CA ASP A 26 9.92 11.26 23.51
C ASP A 26 9.06 11.03 22.27
N LYS A 27 9.13 11.97 21.35
CA LYS A 27 8.42 11.90 20.09
C LYS A 27 9.35 12.39 18.99
N PHE A 28 9.38 11.67 17.87
CA PHE A 28 10.08 12.16 16.69
C PHE A 28 9.12 12.60 15.62
N ALA A 29 7.82 12.45 15.86
CA ALA A 29 6.76 12.96 15.01
C ALA A 29 5.48 12.96 15.83
N VAL A 30 4.59 13.89 15.52
CA VAL A 30 3.28 13.98 16.16
C VAL A 30 2.20 13.66 15.12
N THR A 31 1.18 12.90 15.54
CA THR A 31 0.21 12.42 14.59
C THR A 31 -1.20 12.80 15.07
N ASP A 32 -2.12 12.81 14.10
CA ASP A 32 -3.52 13.09 14.38
C ASP A 32 -4.10 12.10 15.38
N ASN A 33 -3.74 10.83 15.25
CA ASN A 33 -4.45 9.77 15.94
C ASN A 33 -3.95 9.64 17.37
N SER A 34 -4.89 9.41 18.28
CA SER A 34 -4.60 9.21 19.70
C SER A 34 -4.94 7.83 20.23
N GLU A 35 -5.25 6.87 19.36
CA GLU A 35 -5.71 5.59 19.85
C GLU A 35 -4.63 4.94 20.67
N ILE A 36 -4.97 4.65 21.92
CA ILE A 36 -4.09 3.95 22.86
C ILE A 36 -4.91 2.86 23.53
N LEU A 37 -4.54 1.60 23.34
CA LEU A 37 -5.18 0.46 23.90
C LEU A 37 -4.12 -0.33 24.69
N TYR A 38 -4.53 -1.42 25.32
CA TYR A 38 -3.59 -2.18 26.14
C TYR A 38 -3.64 -3.66 25.80
N ARG A 39 -2.47 -4.25 25.54
CA ARG A 39 -2.36 -5.64 25.17
C ARG A 39 -1.23 -6.33 25.93
N PRO A 40 -1.34 -7.64 26.11
CA PRO A 40 -0.26 -8.40 26.76
C PRO A 40 0.96 -8.59 25.85
N VAL A 41 2.12 -8.55 26.49
CA VAL A 41 3.38 -8.69 25.76
C VAL A 41 3.69 -10.17 25.44
N ASP A 42 3.12 -11.11 26.20
CA ASP A 42 3.31 -12.54 25.96
C ASP A 42 2.19 -13.16 25.12
N ASN A 43 2.04 -12.70 23.88
CA ASN A 43 1.07 -13.32 22.96
C ASN A 43 1.53 -14.69 22.44
N ALA A 44 0.56 -15.61 22.26
CA ALA A 44 0.87 -16.91 21.66
C ALA A 44 1.22 -16.75 20.18
N PRO A 45 2.00 -17.67 19.60
CA PRO A 45 2.25 -17.63 18.17
C PRO A 45 1.02 -18.09 17.34
N PRO A 46 0.94 -17.64 16.10
CA PRO A 46 -0.17 -18.07 15.23
C PRO A 46 -0.16 -19.59 15.03
N LEU A 47 -1.32 -20.22 15.21
CA LEU A 47 -1.42 -21.62 14.82
C LEU A 47 -1.02 -21.76 13.36
N TYR A 48 -0.57 -22.96 12.95
CA TYR A 48 -0.17 -23.15 11.56
C TYR A 48 -1.34 -22.84 10.62
N SER A 49 -2.57 -23.06 11.08
CA SER A 49 -3.76 -22.83 10.27
C SER A 49 -4.14 -21.35 10.17
N GLU A 50 -3.47 -20.49 10.92
CA GLU A 50 -3.73 -19.05 10.88
C GLU A 50 -2.72 -18.34 10.00
N ARG A 51 -1.54 -18.92 9.83
CA ARG A 51 -0.52 -18.35 8.97
C ARG A 51 -0.90 -18.54 7.51
N ALA A 52 -0.60 -17.53 6.70
CA ALA A 52 -0.70 -17.67 5.27
C ALA A 52 0.70 -17.99 4.75
N ALA A 53 0.75 -18.66 3.60
CA ALA A 53 2.04 -18.98 3.01
C ALA A 53 2.69 -17.73 2.45
N ILE A 54 4.00 -17.63 2.64
CA ILE A 54 4.73 -16.47 2.13
C ILE A 54 4.81 -16.60 0.61
N GLU A 55 4.13 -15.69 -0.10
CA GLU A 55 4.06 -15.74 -1.55
C GLU A 55 4.13 -14.37 -2.21
N LYS A 56 4.08 -13.30 -1.44
CA LYS A 56 4.19 -11.96 -1.97
C LYS A 56 5.50 -11.33 -1.56
N PRO A 57 6.19 -10.64 -2.46
CA PRO A 57 7.50 -10.06 -2.13
C PRO A 57 7.35 -8.83 -1.26
N PHE A 58 8.30 -8.68 -0.36
CA PHE A 58 8.45 -7.48 0.45
C PHE A 58 9.60 -6.69 -0.18
N LEU A 59 9.27 -5.70 -1.00
CA LEU A 59 10.30 -4.98 -1.72
C LEU A 59 10.99 -3.99 -0.79
N THR A 60 12.31 -3.93 -0.90
CA THR A 60 13.13 -3.13 -0.02
C THR A 60 13.70 -1.89 -0.69
N GLY A 61 13.62 -1.81 -2.03
CA GLY A 61 14.26 -0.73 -2.73
C GLY A 61 15.77 -0.87 -2.84
N ILE A 62 16.33 -1.93 -2.28
CA ILE A 62 17.76 -2.19 -2.33
C ILE A 62 18.03 -3.19 -3.45
N LYS A 63 18.87 -2.79 -4.41
CA LYS A 63 18.98 -3.51 -5.68
C LYS A 63 19.40 -4.96 -5.48
N VAL A 64 20.46 -5.19 -4.68
CA VAL A 64 20.97 -6.55 -4.56
C VAL A 64 19.99 -7.42 -3.80
N ILE A 65 19.25 -6.84 -2.85
CA ILE A 65 18.27 -7.62 -2.09
C ILE A 65 17.08 -7.97 -2.97
N ASP A 66 16.48 -6.97 -3.62
CA ASP A 66 15.28 -7.23 -4.40
C ASP A 66 15.54 -8.17 -5.57
N SER A 67 16.78 -8.23 -6.07
CA SER A 67 17.10 -9.08 -7.21
C SER A 67 17.55 -10.47 -6.83
N LEU A 68 18.48 -10.57 -5.86
CA LEU A 68 19.11 -11.83 -5.53
C LEU A 68 18.69 -12.41 -4.19
N LEU A 69 18.05 -11.63 -3.32
CA LEU A 69 17.74 -12.07 -1.96
C LEU A 69 16.32 -11.67 -1.61
N THR A 70 15.41 -11.78 -2.57
CA THR A 70 14.08 -11.20 -2.47
C THR A 70 13.34 -11.70 -1.25
N CYS A 71 12.89 -10.75 -0.41
CA CYS A 71 12.15 -11.03 0.81
C CYS A 71 10.67 -11.19 0.53
N GLY A 72 9.97 -11.79 1.49
CA GLY A 72 8.54 -12.01 1.37
C GLY A 72 7.77 -11.46 2.56
N GLU A 73 6.53 -11.03 2.30
CA GLU A 73 5.69 -10.54 3.38
C GLU A 73 5.45 -11.65 4.40
N GLY A 74 5.87 -11.41 5.64
CA GLY A 74 5.82 -12.40 6.70
C GLY A 74 7.14 -13.09 6.98
N GLN A 75 8.15 -12.88 6.15
CA GLN A 75 9.43 -13.54 6.36
C GLN A 75 10.17 -12.92 7.54
N ARG A 76 10.98 -13.73 8.22
CA ARG A 76 11.90 -13.23 9.23
C ARG A 76 13.31 -13.41 8.69
N MET A 77 14.04 -12.31 8.54
CA MET A 77 15.34 -12.29 7.92
C MET A 77 16.37 -11.82 8.94
N GLY A 78 17.48 -12.54 9.03
CA GLY A 78 18.58 -12.13 9.88
C GLY A 78 19.56 -11.27 9.09
N ILE A 79 20.17 -10.32 9.80
CA ILE A 79 21.21 -9.49 9.22
C ILE A 79 22.45 -9.74 10.07
N PHE A 80 23.44 -10.41 9.49
CA PHE A 80 24.63 -10.81 10.22
C PHE A 80 25.83 -9.95 9.83
N ALA A 81 26.47 -9.36 10.83
CA ALA A 81 27.57 -8.45 10.58
C ALA A 81 28.42 -8.36 11.83
N SER A 82 29.71 -8.16 11.65
CA SER A 82 30.55 -7.73 12.77
C SER A 82 30.44 -6.22 12.77
N ALA A 83 30.29 -5.60 13.93
CA ALA A 83 30.31 -4.15 13.87
C ALA A 83 31.68 -3.69 13.39
N GLY A 84 31.69 -2.62 12.58
CA GLY A 84 30.63 -2.34 11.62
C GLY A 84 31.45 -1.89 10.43
N CYS A 85 31.20 -2.26 9.16
CA CYS A 85 30.13 -3.03 8.47
C CYS A 85 28.80 -2.33 8.20
N GLY A 86 28.45 -1.23 8.87
CA GLY A 86 27.21 -0.59 8.47
C GLY A 86 25.90 -1.27 8.69
N LYS A 87 25.73 -2.03 9.77
CA LYS A 87 24.46 -2.69 10.00
C LYS A 87 23.35 -1.63 10.18
N THR A 88 23.63 -0.58 10.95
CA THR A 88 22.63 0.46 11.19
C THR A 88 22.27 1.18 9.92
N PHE A 89 23.25 1.48 9.07
CA PHE A 89 22.95 2.15 7.81
C PHE A 89 22.12 1.29 6.86
N LEU A 90 22.30 -0.04 6.87
CA LEU A 90 21.46 -0.89 6.01
C LEU A 90 19.99 -0.88 6.42
N MET A 91 19.75 -0.93 7.73
CA MET A 91 18.39 -0.83 8.26
C MET A 91 17.71 0.49 7.96
N ASN A 92 18.45 1.59 8.10
CA ASN A 92 17.92 2.88 7.72
C ASN A 92 17.45 2.84 6.26
N MET A 93 18.25 2.23 5.38
CA MET A 93 17.83 2.10 3.99
C MET A 93 16.58 1.24 3.90
N LEU A 94 16.54 0.13 4.64
CA LEU A 94 15.38 -0.75 4.61
C LEU A 94 14.11 -0.01 5.04
N ILE A 95 14.24 0.91 6.01
CA ILE A 95 13.10 1.72 6.40
C ILE A 95 12.75 2.72 5.30
N GLU A 96 13.77 3.37 4.72
CA GLU A 96 13.54 4.53 3.87
C GLU A 96 13.00 4.12 2.51
N HIS A 97 13.44 2.98 1.97
CA HIS A 97 13.18 2.64 0.59
C HIS A 97 12.23 1.47 0.44
N SER A 98 11.79 0.85 1.53
CA SER A 98 10.76 -0.17 1.42
C SER A 98 9.40 0.51 1.37
N GLY A 99 8.34 -0.28 1.39
CA GLY A 99 7.02 0.29 1.30
C GLY A 99 6.09 -0.28 2.34
N ALA A 100 6.60 -0.48 3.55
CA ALA A 100 5.73 -0.95 4.59
C ALA A 100 4.78 0.16 5.00
N ASP A 101 3.67 -0.25 5.58
CA ASP A 101 2.68 0.67 6.17
C ASP A 101 3.15 1.22 7.50
N ILE A 102 3.85 0.41 8.30
CA ILE A 102 4.23 0.77 9.66
C ILE A 102 5.55 0.10 9.96
N TYR A 103 6.46 0.85 10.58
CA TYR A 103 7.77 0.37 10.98
C TYR A 103 7.87 0.41 12.49
N VAL A 104 8.36 -0.67 13.11
CA VAL A 104 8.54 -0.74 14.55
C VAL A 104 9.98 -1.14 14.80
N ILE A 105 10.75 -0.29 15.48
CA ILE A 105 12.18 -0.51 15.69
C ILE A 105 12.41 -0.76 17.17
N GLY A 106 13.12 -1.85 17.47
CA GLY A 106 13.55 -2.17 18.83
C GLY A 106 15.03 -2.16 19.04
N LEU A 107 15.55 -1.14 19.73
CA LEU A 107 16.98 -1.02 20.02
C LEU A 107 17.21 -1.66 21.39
N ILE A 108 17.85 -2.82 21.39
CA ILE A 108 18.17 -3.56 22.61
C ILE A 108 19.60 -3.28 23.07
N GLY A 109 19.75 -2.75 24.28
CA GLY A 109 21.02 -2.82 24.98
C GLY A 109 22.09 -2.01 24.32
N GLU A 110 21.69 -1.00 23.54
CA GLU A 110 22.62 -0.19 22.76
C GLU A 110 23.12 0.86 23.75
N ALA A 111 24.27 1.48 23.46
CA ALA A 111 24.91 2.35 24.47
C ALA A 111 24.02 3.51 24.92
N GLY A 112 23.32 4.16 23.99
CA GLY A 112 22.32 5.13 24.35
C GLY A 112 22.52 6.51 23.78
N ARG A 113 23.71 6.87 23.31
CA ARG A 113 23.84 7.92 22.30
C ARG A 113 23.53 7.34 20.94
N GLU A 114 23.42 6.02 20.92
CA GLU A 114 23.00 5.24 19.78
C GLU A 114 21.52 5.45 19.52
N VAL A 115 20.72 5.45 20.59
CA VAL A 115 19.28 5.66 20.46
C VAL A 115 19.01 7.06 19.94
N THR A 116 19.75 8.06 20.43
CA THR A 116 19.54 9.43 19.96
C THR A 116 20.00 9.53 18.51
N GLU A 117 21.04 8.78 18.14
CA GLU A 117 21.40 8.68 16.73
C GLU A 117 20.19 8.29 15.90
N THR A 118 19.46 7.25 16.36
CA THR A 118 18.28 6.75 15.66
C THR A 118 17.08 7.67 15.79
N VAL A 119 16.86 8.25 16.97
CA VAL A 119 15.74 9.19 17.12
C VAL A 119 15.95 10.37 16.17
N ASP A 120 17.18 10.88 16.13
CA ASP A 120 17.51 11.99 15.25
C ASP A 120 17.33 11.59 13.80
N TYR A 121 17.72 10.36 13.45
CA TYR A 121 17.47 9.88 12.10
C TYR A 121 15.99 9.85 11.81
N LEU A 122 15.20 9.27 12.74
CA LEU A 122 13.75 9.21 12.56
C LEU A 122 13.14 10.60 12.49
N LYS A 123 13.72 11.55 13.24
CA LYS A 123 13.20 12.92 13.25
C LYS A 123 13.25 13.54 11.87
N ASN A 124 14.20 13.13 11.03
CA ASN A 124 14.32 13.66 9.69
C ASN A 124 13.90 12.67 8.62
N SER A 125 13.24 11.59 9.00
CA SER A 125 12.87 10.57 8.02
C SER A 125 11.50 10.87 7.42
N GLU A 126 11.35 10.51 6.14
CA GLU A 126 10.06 10.63 5.48
C GLU A 126 9.03 9.66 6.05
N LYS A 127 9.48 8.64 6.79
CA LYS A 127 8.59 7.63 7.34
C LYS A 127 8.31 7.89 8.80
N LYS A 128 8.64 9.10 9.27
CA LYS A 128 8.59 9.42 10.69
C LYS A 128 7.18 9.23 11.24
N SER A 129 6.17 9.53 10.43
CA SER A 129 4.77 9.46 10.86
C SER A 129 4.25 8.02 10.95
N ARG A 130 5.08 7.02 10.63
CA ARG A 130 4.64 5.62 10.69
C ARG A 130 5.63 4.74 11.43
N CYS A 131 6.46 5.32 12.28
CA CYS A 131 7.43 4.53 13.03
C CYS A 131 7.13 4.65 14.52
N VAL A 132 7.40 3.55 15.21
CA VAL A 132 7.41 3.49 16.67
C VAL A 132 8.78 2.96 17.08
N LEU A 133 9.42 3.64 18.05
CA LEU A 133 10.74 3.25 18.53
C LEU A 133 10.66 2.78 19.97
N VAL A 134 11.12 1.57 20.23
CA VAL A 134 11.24 1.03 21.57
C VAL A 134 12.73 0.88 21.85
N TYR A 135 13.18 1.31 23.02
CA TYR A 135 14.61 1.32 23.29
C TYR A 135 14.89 0.75 24.66
N ALA A 136 16.14 0.32 24.83
CA ALA A 136 16.68 -0.08 26.14
C ALA A 136 18.17 0.20 26.13
N THR A 137 18.67 1.12 26.98
CA THR A 137 20.09 1.43 26.94
C THR A 137 20.86 0.42 27.79
N SER A 138 22.18 0.60 27.88
CA SER A 138 22.96 -0.32 28.68
C SER A 138 22.78 -0.16 30.20
N ASP A 139 22.35 1.02 30.71
CA ASP A 139 22.11 1.18 32.16
C ASP A 139 20.90 0.37 32.62
N TYR A 140 19.98 0.06 31.70
CA TYR A 140 18.76 -0.58 32.15
C TYR A 140 19.11 -2.03 32.45
N SER A 141 18.29 -2.68 33.29
CA SER A 141 18.60 -4.05 33.66
C SER A 141 18.37 -5.03 32.52
N SER A 142 18.87 -6.25 32.73
CA SER A 142 18.70 -7.32 31.76
C SER A 142 17.23 -7.66 31.59
N VAL A 143 16.44 -7.57 32.65
CA VAL A 143 15.01 -7.80 32.50
C VAL A 143 14.43 -6.74 31.58
N ASP A 144 14.79 -5.47 31.81
CA ASP A 144 14.30 -4.37 30.99
C ASP A 144 14.85 -4.42 29.57
N ARG A 145 16.11 -4.81 29.39
CA ARG A 145 16.66 -4.90 28.04
C ARG A 145 15.95 -5.97 27.24
N CYS A 146 15.57 -7.06 27.90
CA CYS A 146 14.79 -8.10 27.24
C CYS A 146 13.39 -7.59 26.92
N ASN A 147 12.76 -6.89 27.88
CA ASN A 147 11.39 -6.42 27.71
C ASN A 147 11.21 -5.45 26.55
N ALA A 148 12.27 -4.76 26.13
CA ALA A 148 12.16 -3.88 24.97
C ALA A 148 11.80 -4.65 23.70
N ALA A 149 12.41 -5.83 23.51
CA ALA A 149 12.07 -6.68 22.37
C ALA A 149 10.66 -7.25 22.46
N TYR A 150 10.21 -7.60 23.66
CA TYR A 150 8.86 -8.14 23.81
C TYR A 150 7.80 -7.06 23.56
N ILE A 151 8.11 -5.81 23.95
CA ILE A 151 7.18 -4.70 23.77
C ILE A 151 7.10 -4.29 22.29
N ALA A 152 8.25 -4.27 21.60
CA ALA A 152 8.24 -3.95 20.18
C ALA A 152 7.42 -4.95 19.38
N THR A 153 7.52 -6.24 19.72
CA THR A 153 6.78 -7.27 19.00
C THR A 153 5.28 -7.14 19.24
N ALA A 154 4.88 -6.89 20.50
CA ALA A 154 3.46 -6.78 20.79
C ALA A 154 2.87 -5.57 20.09
N ILE A 155 3.61 -4.45 20.06
CA ILE A 155 3.16 -3.28 19.32
C ILE A 155 2.98 -3.63 17.85
N ALA A 156 3.95 -4.34 17.26
CA ALA A 156 3.85 -4.74 15.86
C ALA A 156 2.67 -5.69 15.64
N GLU A 157 2.42 -6.58 16.59
CA GLU A 157 1.32 -7.54 16.46
C GLU A 157 -0.04 -6.88 16.46
N PHE A 158 -0.22 -5.79 17.21
CA PHE A 158 -1.48 -5.08 17.18
C PHE A 158 -1.75 -4.50 15.79
N PHE A 159 -0.77 -3.81 15.21
CA PHE A 159 -0.95 -3.24 13.88
C PHE A 159 -1.23 -4.31 12.83
N ARG A 160 -0.63 -5.50 12.98
CA ARG A 160 -0.91 -6.59 12.04
C ARG A 160 -2.36 -7.08 12.13
N THR A 161 -2.90 -7.21 13.36
CA THR A 161 -4.29 -7.62 13.49
C THR A 161 -5.23 -6.59 12.88
N GLU A 162 -4.83 -5.31 12.88
CA GLU A 162 -5.64 -4.29 12.22
C GLU A 162 -5.56 -4.36 10.70
N GLY A 163 -4.70 -5.21 10.16
CA GLY A 163 -4.54 -5.41 8.73
C GLY A 163 -3.36 -4.72 8.08
N HIS A 164 -2.45 -4.15 8.86
CA HIS A 164 -1.37 -3.37 8.29
C HIS A 164 -0.21 -4.27 7.87
N LYS A 165 0.53 -3.82 6.86
CA LYS A 165 1.76 -4.47 6.44
C LYS A 165 2.89 -3.90 7.29
N VAL A 166 3.32 -4.65 8.30
CA VAL A 166 4.25 -4.14 9.32
C VAL A 166 5.64 -4.74 9.10
N ALA A 167 6.66 -3.90 9.28
CA ALA A 167 8.06 -4.33 9.30
C ALA A 167 8.66 -4.10 10.68
N LEU A 168 9.30 -5.12 11.23
CA LEU A 168 9.85 -5.08 12.59
C LEU A 168 11.36 -5.28 12.54
N PHE A 169 12.08 -4.48 13.33
CA PHE A 169 13.54 -4.52 13.41
C PHE A 169 13.93 -4.72 14.87
N ILE A 170 14.67 -5.79 15.15
CA ILE A 170 15.25 -6.03 16.47
C ILE A 170 16.76 -5.94 16.33
N ASP A 171 17.35 -4.93 16.97
CA ASP A 171 18.79 -4.67 16.93
C ASP A 171 19.28 -4.44 18.36
N SER A 172 19.93 -5.43 18.97
CA SER A 172 20.27 -6.67 18.30
C SER A 172 19.82 -7.90 19.06
N LEU A 173 19.70 -9.00 18.34
CA LEU A 173 19.47 -10.28 19.01
C LEU A 173 20.66 -10.70 19.89
N THR A 174 21.87 -10.34 19.50
CA THR A 174 23.05 -10.67 20.31
C THR A 174 22.96 -10.07 21.72
N ARG A 175 22.70 -8.77 21.85
CA ARG A 175 22.64 -8.12 23.15
C ARG A 175 21.39 -8.53 23.87
N TYR A 176 20.33 -8.84 23.12
CA TYR A 176 19.15 -9.47 23.69
C TYR A 176 19.55 -10.79 24.32
N ALA A 177 20.27 -11.62 23.55
CA ALA A 177 20.69 -12.93 24.06
C ALA A 177 21.59 -12.78 25.28
N ARG A 178 22.48 -11.77 25.27
CA ARG A 178 23.33 -11.52 26.44
C ARG A 178 22.51 -11.20 27.67
N ALA A 179 21.67 -10.16 27.57
CA ALA A 179 20.72 -9.86 28.64
C ALA A 179 19.89 -11.08 29.03
N LEU A 180 19.56 -11.91 28.03
CA LEU A 180 18.79 -13.12 28.29
C LEU A 180 19.57 -14.11 29.16
N ARG A 181 20.89 -14.20 28.94
CA ARG A 181 21.76 -15.03 29.76
C ARG A 181 21.85 -14.55 31.21
N ASP A 182 21.87 -13.23 31.38
CA ASP A 182 21.87 -12.64 32.71
C ASP A 182 20.59 -12.95 33.46
N VAL A 183 19.45 -12.88 32.77
CA VAL A 183 18.15 -13.18 33.37
C VAL A 183 18.08 -14.65 33.81
N ALA A 184 18.67 -15.54 33.01
CA ALA A 184 18.72 -16.96 33.36
C ALA A 184 19.45 -17.22 34.66
N LEU A 185 20.49 -16.42 34.95
CA LEU A 185 21.21 -16.59 36.21
C LEU A 185 20.30 -16.32 37.41
N ALA A 186 19.40 -15.34 37.28
CA ALA A 186 18.43 -15.07 38.34
C ALA A 186 17.57 -16.30 38.63
N ALA A 187 17.28 -17.10 37.60
CA ALA A 187 16.53 -18.32 37.75
C ALA A 187 17.41 -19.50 38.13
N GLY A 188 18.70 -19.25 38.37
CA GLY A 188 19.66 -20.27 38.74
C GLY A 188 20.21 -21.08 37.60
N GLU A 189 19.90 -20.73 36.35
CA GLU A 189 20.25 -21.56 35.23
C GLU A 189 21.25 -20.87 34.30
N SER A 190 21.99 -21.71 33.59
CA SER A 190 23.02 -21.37 32.62
C SER A 190 22.75 -22.16 31.35
N PRO A 191 23.37 -21.80 30.22
CA PRO A 191 23.12 -22.57 28.98
C PRO A 191 23.29 -24.08 29.14
N ALA A 192 24.27 -24.52 29.94
CA ALA A 192 24.47 -25.95 30.17
C ALA A 192 23.48 -26.51 31.18
N ARG A 193 23.32 -25.82 32.32
CA ARG A 193 22.40 -26.27 33.37
C ARG A 193 21.12 -25.43 33.33
N ARG A 194 20.32 -25.71 32.31
CA ARG A 194 19.16 -24.92 31.93
C ARG A 194 17.91 -25.43 32.65
N GLY A 195 16.89 -24.58 32.71
CA GLY A 195 15.62 -24.97 33.31
C GLY A 195 14.68 -25.66 32.34
N TYR A 196 13.67 -26.32 32.92
CA TYR A 196 12.59 -26.95 32.18
C TYR A 196 11.41 -27.06 33.15
N PRO A 197 10.17 -26.78 32.70
CA PRO A 197 9.78 -26.47 31.30
C PRO A 197 10.10 -25.05 30.82
N VAL A 198 10.22 -24.08 31.72
CA VAL A 198 10.49 -22.69 31.34
C VAL A 198 11.97 -22.40 31.55
N SER A 199 12.67 -22.13 30.47
CA SER A 199 14.00 -21.53 30.49
C SER A 199 13.92 -20.20 29.76
N VAL A 200 14.72 -19.24 30.21
CA VAL A 200 14.76 -17.99 29.45
C VAL A 200 15.46 -18.21 28.11
N PHE A 201 16.32 -19.23 28.00
CA PHE A 201 16.99 -19.49 26.74
C PHE A 201 16.01 -19.88 25.64
N ASP A 202 14.93 -20.57 25.98
CA ASP A 202 13.93 -20.92 24.98
C ASP A 202 12.92 -19.79 24.74
N SER A 203 13.04 -18.67 25.45
CA SER A 203 12.33 -17.44 25.09
C SER A 203 12.78 -16.90 23.73
N LEU A 204 13.97 -17.32 23.27
CA LEU A 204 14.50 -16.85 22.00
C LEU A 204 13.72 -17.38 20.80
N PRO A 205 13.52 -18.69 20.63
CA PRO A 205 12.72 -19.12 19.47
C PRO A 205 11.28 -18.64 19.52
N ARG A 206 10.67 -18.54 20.70
CA ARG A 206 9.31 -18.03 20.83
C ARG A 206 9.16 -16.59 20.35
N LEU A 207 10.13 -15.72 20.68
CA LEU A 207 10.08 -14.34 20.21
C LEU A 207 10.19 -14.27 18.70
N LEU A 208 10.98 -15.17 18.12
CA LEU A 208 11.30 -15.19 16.71
C LEU A 208 10.21 -15.84 15.89
N GLU A 209 9.27 -16.54 16.53
CA GLU A 209 8.20 -17.23 15.84
C GLU A 209 6.96 -16.35 15.71
N ARG A 210 6.97 -15.18 16.31
CA ARG A 210 5.86 -14.25 16.31
C ARG A 210 5.58 -13.56 14.96
N PRO A 211 6.60 -13.19 14.18
CA PRO A 211 6.35 -12.64 12.84
C PRO A 211 5.65 -13.63 11.91
N GLY A 212 5.21 -13.08 10.78
CA GLY A 212 4.53 -13.81 9.74
C GLY A 212 3.30 -13.07 9.24
N LYS A 213 2.71 -13.65 8.21
CA LYS A 213 1.52 -13.10 7.58
C LYS A 213 0.30 -13.92 8.01
N LEU A 214 -0.70 -13.24 8.57
CA LEU A 214 -1.91 -13.91 9.01
C LEU A 214 -2.94 -13.96 7.89
N LYS A 215 -3.60 -15.10 7.76
CA LYS A 215 -4.68 -15.24 6.78
C LYS A 215 -5.79 -14.23 7.06
N ALA A 216 -6.07 -13.98 8.34
CA ALA A 216 -7.16 -13.09 8.75
C ALA A 216 -6.71 -11.67 9.03
N GLY A 217 -5.44 -11.34 8.81
CA GLY A 217 -4.93 -10.01 9.10
C GLY A 217 -3.79 -9.61 8.19
N GLY A 218 -2.95 -8.71 8.69
CA GLY A 218 -1.80 -8.21 7.96
C GLY A 218 -0.61 -9.13 8.08
N SER A 219 0.58 -8.53 8.03
CA SER A 219 1.82 -9.27 8.08
C SER A 219 2.83 -8.52 8.94
N ILE A 220 3.76 -9.27 9.53
CA ILE A 220 4.94 -8.71 10.18
C ILE A 220 6.14 -9.33 9.49
N THR A 221 6.86 -8.53 8.71
CA THR A 221 8.14 -8.93 8.16
C THR A 221 9.23 -8.41 9.09
N ALA A 222 10.03 -9.33 9.63
CA ALA A 222 10.95 -9.00 10.71
C ALA A 222 12.41 -9.15 10.29
N PHE A 223 13.22 -8.16 10.67
CA PHE A 223 14.66 -8.19 10.48
C PHE A 223 15.33 -8.17 11.85
N TYR A 224 16.12 -9.20 12.14
CA TYR A 224 16.84 -9.34 13.39
C TYR A 224 18.34 -9.24 13.12
N THR A 225 19.02 -8.33 13.81
CA THR A 225 20.47 -8.20 13.63
C THR A 225 21.25 -9.09 14.58
N VAL A 226 22.30 -9.73 14.03
CA VAL A 226 23.22 -10.59 14.76
C VAL A 226 24.67 -10.13 14.58
N LEU A 227 25.35 -9.80 15.68
CA LEU A 227 26.71 -9.24 15.67
C LEU A 227 27.76 -10.35 15.66
N LEU A 228 28.57 -10.39 14.61
CA LEU A 228 29.56 -11.44 14.41
C LEU A 228 30.88 -11.14 15.12
N GLU A 229 31.59 -12.19 15.56
CA GLU A 229 32.93 -12.03 16.15
C GLU A 229 33.62 -13.37 16.39
N PRO A 236 28.46 -18.58 17.86
CA PRO A 236 27.53 -19.66 18.23
C PRO A 236 26.07 -19.21 18.26
N LEU A 237 25.85 -17.96 18.68
CA LEU A 237 24.52 -17.38 18.66
C LEU A 237 23.98 -17.36 17.23
N ALA A 238 24.87 -17.11 16.26
CA ALA A 238 24.48 -17.02 14.86
C ALA A 238 23.97 -18.35 14.28
N GLU A 239 24.56 -19.51 14.63
CA GLU A 239 24.07 -20.75 14.01
C GLU A 239 22.67 -21.16 14.49
N GLU A 240 22.33 -20.98 15.78
CA GLU A 240 20.95 -21.30 16.17
C GLU A 240 19.97 -20.37 15.50
N VAL A 241 20.28 -19.06 15.45
CA VAL A 241 19.32 -18.16 14.81
C VAL A 241 19.25 -18.54 13.35
N ARG A 242 20.36 -19.02 12.79
CA ARG A 242 20.40 -19.41 11.40
C ARG A 242 19.42 -20.53 11.08
N SER A 243 19.17 -21.46 12.01
CA SER A 243 18.28 -22.57 11.67
C SER A 243 16.84 -22.25 11.93
N ILE A 244 16.60 -21.19 12.67
CA ILE A 244 15.26 -20.75 12.95
C ILE A 244 14.71 -19.84 11.86
N LEU A 245 15.56 -19.01 11.25
CA LEU A 245 15.05 -17.99 10.34
C LEU A 245 14.80 -18.51 8.92
N ASP A 246 14.23 -17.63 8.10
CA ASP A 246 13.89 -17.89 6.71
C ASP A 246 14.91 -17.31 5.76
N GLY A 247 16.14 -17.11 6.21
CA GLY A 247 17.17 -16.52 5.40
C GLY A 247 18.05 -15.60 6.22
N HIS A 248 19.18 -15.19 5.65
CA HIS A 248 20.11 -14.32 6.34
C HIS A 248 20.87 -13.48 5.32
N ILE A 249 21.10 -12.22 5.66
CA ILE A 249 21.95 -11.30 4.92
C ILE A 249 23.26 -11.12 5.66
N TYR A 250 24.39 -11.30 4.96
CA TYR A 250 25.71 -11.27 5.58
C TYR A 250 26.45 -10.00 5.16
N LEU A 251 26.80 -9.16 6.13
CA LEU A 251 27.56 -7.94 5.90
C LEU A 251 29.04 -8.25 6.11
N SER A 252 29.81 -8.10 5.04
CA SER A 252 31.21 -8.51 4.96
C SER A 252 32.23 -7.45 5.38
N ARG A 253 33.06 -7.79 6.38
CA ARG A 253 34.22 -6.97 6.66
C ARG A 253 35.10 -6.71 5.45
N ASN A 254 35.17 -7.64 4.49
CA ASN A 254 35.99 -7.34 3.31
C ASN A 254 35.39 -6.33 2.38
N LEU A 255 34.11 -6.48 2.10
CA LEU A 255 33.45 -5.61 1.18
C LEU A 255 33.37 -4.18 1.67
N ALA A 256 33.31 -3.96 2.98
CA ALA A 256 33.28 -2.58 3.46
C ALA A 256 34.60 -1.86 3.19
N GLN A 257 35.73 -2.50 3.50
CA GLN A 257 37.03 -1.87 3.28
C GLN A 257 37.31 -1.53 1.82
N LYS A 258 36.62 -2.15 0.87
CA LYS A 258 36.83 -1.89 -0.55
C LYS A 258 35.90 -0.81 -1.09
N GLY A 259 35.07 -0.24 -0.23
CA GLY A 259 34.16 0.80 -0.65
C GLY A 259 32.84 0.33 -1.21
N GLN A 260 32.49 -0.94 -1.03
CA GLN A 260 31.20 -1.43 -1.50
C GLN A 260 30.19 -1.26 -0.37
N PHE A 261 29.20 -0.38 -0.57
CA PHE A 261 28.05 -0.26 0.32
C PHE A 261 26.83 -0.40 -0.57
N PRO A 262 25.82 -1.21 -0.19
CA PRO A 262 25.80 -2.04 1.03
C PRO A 262 26.79 -3.20 0.95
N ALA A 263 27.45 -3.49 2.07
CA ALA A 263 28.47 -4.54 2.14
C ALA A 263 27.86 -5.93 2.17
N ILE A 264 26.85 -6.16 1.35
CA ILE A 264 26.15 -7.43 1.32
C ILE A 264 26.94 -8.39 0.44
N ASP A 265 27.35 -9.52 1.00
CA ASP A 265 27.97 -10.60 0.23
C ASP A 265 26.85 -11.49 -0.28
N SER A 266 26.47 -11.30 -1.55
CA SER A 266 25.35 -12.03 -2.11
C SER A 266 25.59 -13.53 -2.10
N LEU A 267 26.85 -13.94 -2.29
CA LEU A 267 27.15 -15.36 -2.37
C LEU A 267 27.09 -16.03 -1.00
N LYS A 268 27.10 -15.27 0.09
CA LYS A 268 26.94 -15.82 1.43
C LYS A 268 25.61 -15.45 2.07
N SER A 269 24.66 -14.93 1.29
CA SER A 269 23.34 -14.59 1.78
C SER A 269 22.28 -15.39 1.04
N ILE A 270 21.11 -15.56 1.67
CA ILE A 270 20.04 -16.33 1.05
C ILE A 270 18.72 -15.88 1.63
N SER A 271 17.67 -15.92 0.79
CA SER A 271 16.29 -15.84 1.22
C SER A 271 15.64 -17.17 0.84
N ARG A 272 15.23 -17.94 1.84
CA ARG A 272 14.72 -19.27 1.54
C ARG A 272 13.37 -19.28 0.81
N VAL A 273 12.63 -18.18 0.78
CA VAL A 273 11.35 -18.18 0.07
C VAL A 273 11.52 -17.60 -1.33
N PHE A 274 12.77 -17.41 -1.74
CA PHE A 274 13.08 -16.68 -2.96
C PHE A 274 12.28 -17.22 -4.13
N THR A 275 12.34 -18.53 -4.37
CA THR A 275 11.65 -19.04 -5.53
C THR A 275 10.12 -18.99 -5.40
N GLN A 276 9.54 -18.83 -4.19
CA GLN A 276 8.09 -18.66 -4.04
C GLN A 276 7.64 -17.23 -4.24
N VAL A 277 8.54 -16.24 -4.27
CA VAL A 277 8.10 -14.86 -4.23
C VAL A 277 8.52 -14.08 -5.46
N VAL A 278 9.24 -14.71 -6.38
CA VAL A 278 9.55 -14.08 -7.65
C VAL A 278 9.13 -15.03 -8.74
N ASP A 279 8.92 -14.49 -9.94
CA ASP A 279 8.47 -15.30 -11.04
C ASP A 279 9.65 -15.89 -11.80
N GLU A 280 9.31 -16.59 -12.88
CA GLU A 280 10.30 -17.36 -13.59
C GLU A 280 11.27 -16.45 -14.30
N LYS A 281 10.74 -15.41 -14.96
CA LYS A 281 11.64 -14.54 -15.71
C LYS A 281 12.62 -13.86 -14.70
N HIS A 282 12.18 -13.55 -13.46
CA HIS A 282 13.12 -13.13 -12.40
C HIS A 282 14.14 -14.23 -12.06
N ARG A 283 13.65 -15.46 -11.84
CA ARG A 283 14.49 -16.57 -11.36
C ARG A 283 15.65 -16.88 -12.29
N ILE A 284 15.45 -16.73 -13.59
CA ILE A 284 16.50 -17.02 -14.55
C ILE A 284 17.58 -15.95 -14.48
N MET A 285 17.19 -14.68 -14.42
CA MET A 285 18.17 -13.61 -14.35
C MET A 285 18.99 -13.66 -13.06
N ALA A 286 18.34 -14.00 -11.95
CA ALA A 286 19.08 -14.08 -10.69
C ALA A 286 20.11 -15.20 -10.72
N ALA A 287 19.73 -16.36 -11.26
CA ALA A 287 20.69 -17.46 -11.39
C ALA A 287 21.86 -17.09 -12.31
N ALA A 288 21.59 -16.41 -13.42
CA ALA A 288 22.66 -16.00 -14.33
C ALA A 288 23.59 -14.99 -13.67
N PHE A 289 23.06 -14.11 -12.85
CA PHE A 289 23.87 -13.11 -12.19
C PHE A 289 24.73 -13.75 -11.11
N ARG A 290 24.17 -14.73 -10.37
CA ARG A 290 24.93 -15.42 -9.34
C ARG A 290 26.12 -16.17 -9.94
N GLU A 291 25.94 -16.72 -11.14
CA GLU A 291 27.07 -17.34 -11.85
C GLU A 291 28.12 -16.32 -12.23
N LEU A 292 27.69 -15.12 -12.60
CA LEU A 292 28.64 -14.05 -12.94
C LEU A 292 29.47 -13.63 -11.73
N LEU A 293 28.84 -13.47 -10.57
CA LEU A 293 29.60 -13.17 -9.35
C LEU A 293 30.63 -14.25 -9.05
N SER A 294 30.20 -15.51 -9.09
CA SER A 294 31.10 -16.61 -8.81
C SER A 294 32.29 -16.61 -9.76
N GLU A 295 32.06 -16.30 -11.04
CA GLU A 295 33.17 -16.22 -11.98
C GLU A 295 34.08 -15.02 -11.72
N ILE A 296 33.52 -13.90 -11.25
CA ILE A 296 34.35 -12.74 -10.92
C ILE A 296 35.29 -13.03 -9.74
N GLU A 297 34.75 -13.61 -8.64
CA GLU A 297 35.60 -14.01 -7.50
C GLU A 297 36.74 -14.95 -7.87
N GLU A 298 36.45 -15.94 -8.71
CA GLU A 298 37.47 -16.89 -9.11
C GLU A 298 38.59 -16.22 -9.90
N LEU A 299 38.24 -15.21 -10.69
CA LEU A 299 39.23 -14.44 -11.43
C LEU A 299 40.00 -13.50 -10.51
N ARG A 300 39.36 -13.03 -9.45
CA ARG A 300 40.06 -12.17 -8.49
C ARG A 300 41.23 -12.94 -7.92
N THR A 301 41.00 -14.21 -7.55
CA THR A 301 42.10 -15.00 -7.01
C THR A 301 43.12 -15.36 -8.09
N ILE A 302 42.71 -15.41 -9.36
CA ILE A 302 43.72 -15.58 -10.41
C ILE A 302 44.54 -14.30 -10.56
N ILE A 303 43.88 -13.14 -10.45
CA ILE A 303 44.56 -11.86 -10.51
C ILE A 303 45.53 -11.69 -9.33
N ASP A 304 45.06 -11.97 -8.12
CA ASP A 304 45.93 -11.84 -6.95
C ASP A 304 47.13 -12.78 -7.07
N PHE A 305 46.95 -13.95 -7.67
CA PHE A 305 48.05 -14.86 -7.92
C PHE A 305 48.94 -14.44 -9.07
N GLY A 306 48.66 -13.31 -9.71
CA GLY A 306 49.48 -12.88 -10.84
C GLY A 306 49.40 -13.78 -12.05
N GLU A 307 48.27 -14.46 -12.26
CA GLU A 307 48.10 -15.43 -13.34
C GLU A 307 47.22 -14.91 -14.48
N TYR A 308 46.72 -13.70 -14.38
CA TYR A 308 45.88 -13.13 -15.42
C TYR A 308 46.70 -12.30 -16.39
N LYS A 309 46.53 -12.55 -17.68
CA LYS A 309 47.17 -11.73 -18.69
C LYS A 309 46.14 -11.48 -19.76
N PRO A 310 45.93 -10.22 -20.14
CA PRO A 310 44.90 -9.92 -21.13
C PRO A 310 45.21 -10.57 -22.46
N GLY A 311 44.15 -11.00 -23.16
CA GLY A 311 44.29 -11.60 -24.46
C GLY A 311 44.71 -13.05 -24.42
N GLU A 312 45.13 -13.55 -23.26
CA GLU A 312 45.55 -14.93 -23.11
C GLU A 312 44.34 -15.87 -23.13
N ASN A 313 43.23 -15.46 -22.51
CA ASN A 313 42.07 -16.33 -22.31
C ASN A 313 40.83 -15.48 -22.55
N ALA A 314 40.15 -15.71 -23.68
CA ALA A 314 39.01 -14.89 -24.05
C ALA A 314 37.86 -14.95 -23.06
N SER A 315 37.65 -16.11 -22.42
CA SER A 315 36.60 -16.21 -21.42
C SER A 315 36.89 -15.31 -20.23
N GLN A 316 38.14 -15.30 -19.76
CA GLN A 316 38.52 -14.43 -18.64
C GLN A 316 38.41 -12.97 -19.00
N ASP A 317 38.79 -12.61 -20.23
CA ASP A 317 38.71 -11.23 -20.67
C ASP A 317 37.28 -10.70 -20.67
N LYS A 318 36.32 -11.52 -21.08
CA LYS A 318 34.93 -11.08 -21.06
C LYS A 318 34.46 -10.86 -19.62
N ILE A 319 34.76 -11.82 -18.74
CA ILE A 319 34.43 -11.70 -17.33
C ILE A 319 35.11 -10.49 -16.70
N TYR A 320 36.37 -10.23 -17.08
CA TYR A 320 37.09 -9.08 -16.52
C TYR A 320 36.43 -7.76 -16.85
N ASN A 321 35.97 -7.59 -18.09
CA ASN A 321 35.35 -6.34 -18.50
C ASN A 321 33.94 -6.17 -17.93
N LYS A 322 33.41 -7.19 -17.28
CA LYS A 322 32.12 -7.08 -16.62
C LYS A 322 32.24 -6.64 -15.16
N ILE A 323 33.45 -6.67 -14.58
CA ILE A 323 33.57 -6.39 -13.14
C ILE A 323 32.98 -5.03 -12.82
N SER A 324 33.24 -4.05 -13.69
CA SER A 324 32.84 -2.68 -13.35
C SER A 324 31.33 -2.52 -13.38
N VAL A 325 30.66 -3.12 -14.39
CA VAL A 325 29.21 -3.00 -14.43
C VAL A 325 28.52 -3.81 -13.34
N VAL A 326 29.10 -4.93 -12.88
CA VAL A 326 28.49 -5.68 -11.77
C VAL A 326 28.66 -4.90 -10.48
N GLU A 327 29.86 -4.36 -10.25
CA GLU A 327 30.09 -3.54 -9.05
C GLU A 327 29.19 -2.33 -9.09
N SER A 328 28.96 -1.77 -10.28
CA SER A 328 28.09 -0.60 -10.37
C SER A 328 26.66 -0.95 -10.00
N PHE A 329 26.20 -2.16 -10.36
CA PHE A 329 24.87 -2.61 -9.97
C PHE A 329 24.79 -2.87 -8.46
N LEU A 330 25.83 -3.49 -7.89
CA LEU A 330 25.82 -3.90 -6.49
C LEU A 330 25.78 -2.69 -5.56
N LYS A 331 26.63 -1.71 -5.79
CA LYS A 331 26.69 -0.56 -4.89
C LYS A 331 25.39 0.23 -4.98
N GLN A 332 25.10 0.99 -3.93
CA GLN A 332 23.88 1.76 -3.89
C GLN A 332 24.07 2.94 -2.95
N ASP A 333 23.82 4.14 -3.46
CA ASP A 333 23.73 5.33 -2.64
C ASP A 333 22.66 5.14 -1.56
N TYR A 334 23.02 5.41 -0.30
CA TYR A 334 22.07 5.12 0.77
C TYR A 334 20.81 5.98 0.73
N ARG A 335 20.82 7.10 0.01
CA ARG A 335 19.63 7.91 -0.14
C ARG A 335 18.77 7.49 -1.32
N LEU A 336 19.14 6.45 -2.05
CA LEU A 336 18.46 6.06 -3.27
C LEU A 336 17.72 4.74 -3.08
N GLY A 337 16.47 4.71 -3.52
CA GLY A 337 15.71 3.48 -3.59
C GLY A 337 15.36 3.19 -5.04
N PHE A 338 15.24 1.90 -5.35
CA PHE A 338 14.97 1.46 -6.71
C PHE A 338 13.70 0.65 -6.75
N THR A 339 12.86 0.91 -7.76
CA THR A 339 11.68 0.09 -7.98
C THR A 339 12.06 -1.30 -8.49
N TYR A 340 11.14 -2.24 -8.32
CA TYR A 340 11.37 -3.60 -8.80
C TYR A 340 11.66 -3.60 -10.31
N GLU A 341 10.91 -2.81 -11.09
CA GLU A 341 11.14 -2.75 -12.53
C GLU A 341 12.51 -2.16 -12.84
N GLN A 342 12.91 -1.12 -12.10
CA GLN A 342 14.24 -0.55 -12.28
C GLN A 342 15.33 -1.56 -11.97
N THR A 343 15.12 -2.37 -10.93
CA THR A 343 16.13 -3.35 -10.55
C THR A 343 16.28 -4.42 -11.61
N MET A 344 15.15 -4.97 -12.08
CA MET A 344 15.22 -6.01 -13.12
C MET A 344 15.73 -5.47 -14.44
N GLU A 345 15.46 -4.20 -14.74
CA GLU A 345 16.01 -3.62 -15.96
C GLU A 345 17.52 -3.42 -15.84
N LEU A 346 17.99 -3.03 -14.65
CA LEU A 346 19.43 -2.82 -14.47
C LEU A 346 20.18 -4.14 -14.48
N ILE A 347 19.63 -5.17 -13.84
CA ILE A 347 20.35 -6.43 -13.75
C ILE A 347 20.39 -7.12 -15.10
N GLY A 348 19.33 -6.99 -15.89
CA GLY A 348 19.38 -7.56 -17.24
C GLY A 348 20.45 -6.95 -18.12
N GLU A 349 20.60 -5.62 -18.09
CA GLU A 349 21.70 -5.02 -18.84
C GLU A 349 23.06 -5.51 -18.34
N THR A 350 23.15 -5.89 -17.07
CA THR A 350 24.43 -6.33 -16.51
C THR A 350 24.79 -7.72 -17.03
N ILE A 351 23.79 -8.54 -17.26
CA ILE A 351 23.91 -9.95 -17.63
C ILE A 351 23.84 -10.02 -19.14
N ARG A 352 23.85 -8.85 -19.80
CA ARG A 352 23.77 -8.87 -21.29
C ARG A 352 25.17 -8.98 -21.90
N LEU B 5 -25.23 -17.99 -11.69
CA LEU B 5 -24.89 -18.46 -10.36
C LEU B 5 -23.37 -18.56 -10.15
N HIS B 6 -22.62 -18.94 -11.19
CA HIS B 6 -21.17 -18.98 -11.13
C HIS B 6 -20.55 -18.16 -12.26
N THR B 7 -19.36 -17.64 -12.01
CA THR B 7 -18.68 -16.77 -12.96
C THR B 7 -17.18 -17.08 -12.98
N GLN B 8 -16.55 -16.70 -14.08
CA GLN B 8 -15.09 -16.74 -14.16
C GLN B 8 -14.49 -15.62 -13.32
N VAL B 9 -13.37 -15.92 -12.68
CA VAL B 9 -12.57 -14.92 -11.97
C VAL B 9 -11.11 -15.19 -12.30
N GLY B 10 -10.25 -14.29 -11.87
CA GLY B 10 -8.83 -14.48 -12.00
C GLY B 10 -8.20 -13.49 -12.98
N ARG B 11 -6.86 -13.52 -12.98
CA ARG B 11 -6.10 -12.57 -13.76
C ARG B 11 -6.21 -12.80 -15.26
N GLY B 12 -6.69 -13.97 -15.70
CA GLY B 12 -7.01 -14.18 -17.11
C GLY B 12 -8.14 -13.33 -17.64
N LEU B 13 -8.90 -12.70 -16.75
CA LEU B 13 -9.97 -11.82 -17.18
C LEU B 13 -9.46 -10.42 -17.48
N LEU B 14 -8.23 -10.11 -17.08
CA LEU B 14 -7.70 -8.77 -17.31
C LEU B 14 -7.58 -8.50 -18.80
N GLY B 15 -8.22 -7.42 -19.24
CA GLY B 15 -8.27 -7.08 -20.65
C GLY B 15 -9.44 -7.69 -21.40
N ALA B 16 -10.38 -8.32 -20.71
CA ALA B 16 -11.46 -9.07 -21.34
C ALA B 16 -12.83 -8.45 -21.10
N VAL B 17 -13.75 -8.75 -22.01
CA VAL B 17 -15.15 -8.35 -21.89
C VAL B 17 -15.98 -9.56 -21.51
N VAL B 18 -16.64 -9.51 -20.35
CA VAL B 18 -17.38 -10.64 -19.80
C VAL B 18 -18.87 -10.31 -19.89
N ASN B 19 -19.68 -11.28 -20.29
CA ASN B 19 -21.11 -11.11 -20.49
C ASN B 19 -21.89 -11.52 -19.24
N PRO B 20 -23.21 -11.31 -19.21
CA PRO B 20 -23.97 -11.56 -17.96
C PRO B 20 -24.12 -13.02 -17.59
N LEU B 21 -23.38 -13.92 -18.29
CA LEU B 21 -23.29 -15.32 -17.89
C LEU B 21 -21.93 -15.68 -17.31
N GLY B 22 -20.99 -14.73 -17.28
CA GLY B 22 -19.69 -15.02 -16.75
C GLY B 22 -18.80 -15.64 -17.79
N GLU B 23 -19.03 -15.32 -19.05
CA GLU B 23 -18.22 -15.86 -20.14
C GLU B 23 -17.64 -14.72 -20.94
N VAL B 24 -16.41 -14.89 -21.34
CA VAL B 24 -15.64 -13.83 -21.98
C VAL B 24 -16.14 -13.77 -23.41
N THR B 25 -16.31 -12.55 -23.95
CA THR B 25 -16.88 -12.45 -25.28
C THR B 25 -16.06 -11.57 -26.22
N ASP B 26 -15.05 -10.88 -25.72
CA ASP B 26 -14.26 -9.94 -26.51
C ASP B 26 -13.07 -9.58 -25.64
N LYS B 27 -12.05 -9.01 -26.26
CA LYS B 27 -10.85 -8.59 -25.55
C LYS B 27 -10.40 -7.23 -26.06
N PHE B 28 -10.10 -6.33 -25.13
CA PHE B 28 -9.49 -5.06 -25.49
C PHE B 28 -8.01 -5.02 -25.16
N ALA B 29 -7.45 -6.09 -24.58
CA ALA B 29 -6.02 -6.22 -24.32
C ALA B 29 -5.73 -7.67 -23.93
N VAL B 30 -4.45 -7.99 -23.80
CA VAL B 30 -4.02 -9.30 -23.37
C VAL B 30 -2.90 -9.18 -22.35
N THR B 31 -2.96 -10.03 -21.34
CA THR B 31 -1.93 -10.16 -20.33
C THR B 31 -1.39 -11.56 -20.45
N ASP B 32 -0.23 -11.81 -19.83
CA ASP B 32 0.35 -13.15 -19.84
C ASP B 32 0.02 -13.93 -18.57
N ASN B 33 -1.08 -13.60 -17.93
CA ASN B 33 -1.59 -14.43 -16.84
C ASN B 33 -2.83 -15.12 -17.36
N SER B 34 -2.83 -16.44 -17.27
CA SER B 34 -3.92 -17.25 -17.75
C SER B 34 -4.75 -17.85 -16.63
N GLU B 35 -4.66 -17.32 -15.43
CA GLU B 35 -5.39 -17.89 -14.31
C GLU B 35 -6.88 -17.76 -14.54
N ILE B 36 -7.59 -18.88 -14.51
CA ILE B 36 -9.03 -18.87 -14.65
C ILE B 36 -9.60 -19.81 -13.60
N LEU B 37 -10.54 -19.30 -12.81
CA LEU B 37 -11.23 -20.10 -11.81
C LEU B 37 -12.71 -19.77 -11.89
N TYR B 38 -13.49 -20.50 -11.12
CA TYR B 38 -14.92 -20.31 -11.06
C TYR B 38 -15.32 -20.11 -9.62
N ARG B 39 -16.08 -19.06 -9.38
CA ARG B 39 -16.57 -18.68 -8.06
C ARG B 39 -18.04 -18.34 -8.17
N PRO B 40 -18.80 -18.56 -7.11
CA PRO B 40 -20.20 -18.12 -7.12
C PRO B 40 -20.31 -16.59 -7.11
N VAL B 41 -21.31 -16.05 -7.80
CA VAL B 41 -21.49 -14.61 -7.87
C VAL B 41 -22.20 -14.03 -6.65
N ASP B 42 -22.92 -14.85 -5.88
CA ASP B 42 -23.67 -14.39 -4.72
C ASP B 42 -22.83 -14.60 -3.46
N ASN B 43 -21.84 -13.73 -3.28
CA ASN B 43 -20.92 -13.79 -2.16
C ASN B 43 -21.51 -13.08 -0.94
N ALA B 44 -21.19 -13.62 0.24
CA ALA B 44 -21.61 -12.99 1.49
C ALA B 44 -20.87 -11.68 1.69
N PRO B 45 -21.52 -10.65 2.23
CA PRO B 45 -20.80 -9.45 2.65
C PRO B 45 -19.87 -9.72 3.83
N PRO B 46 -18.75 -9.00 3.92
CA PRO B 46 -17.82 -9.17 5.04
C PRO B 46 -18.44 -8.86 6.40
N LEU B 47 -18.12 -9.68 7.39
CA LEU B 47 -18.47 -9.35 8.77
C LEU B 47 -17.79 -8.05 9.19
N TYR B 48 -18.37 -7.40 10.21
CA TYR B 48 -17.80 -6.14 10.69
C TYR B 48 -16.36 -6.33 11.17
N SER B 49 -16.06 -7.49 11.77
CA SER B 49 -14.74 -7.74 12.35
C SER B 49 -13.69 -8.12 11.32
N GLU B 50 -14.07 -8.24 10.04
CA GLU B 50 -13.14 -8.53 8.96
C GLU B 50 -12.81 -7.29 8.16
N ARG B 51 -13.51 -6.20 8.42
CA ARG B 51 -13.30 -4.97 7.71
C ARG B 51 -12.16 -4.19 8.34
N ALA B 52 -11.29 -3.65 7.50
CA ALA B 52 -10.27 -2.72 7.97
C ALA B 52 -10.86 -1.31 8.04
N ALA B 53 -10.20 -0.48 8.84
CA ALA B 53 -10.61 0.91 8.95
C ALA B 53 -10.30 1.63 7.65
N ILE B 54 -11.20 2.53 7.26
CA ILE B 54 -10.92 3.40 6.11
C ILE B 54 -10.01 4.52 6.61
N GLU B 55 -8.73 4.48 6.21
CA GLU B 55 -7.77 5.45 6.71
C GLU B 55 -6.71 5.78 5.66
N LYS B 56 -6.72 5.06 4.54
CA LYS B 56 -5.79 5.30 3.45
C LYS B 56 -6.50 5.97 2.29
N PRO B 57 -5.98 7.08 1.79
CA PRO B 57 -6.65 7.76 0.68
C PRO B 57 -6.54 6.97 -0.62
N PHE B 58 -7.65 6.98 -1.37
CA PHE B 58 -7.68 6.44 -2.72
C PHE B 58 -7.58 7.63 -3.67
N LEU B 59 -6.37 7.92 -4.15
CA LEU B 59 -6.18 9.10 -4.96
C LEU B 59 -6.69 8.89 -6.37
N THR B 60 -7.35 9.94 -6.87
CA THR B 60 -7.95 9.87 -8.19
C THR B 60 -7.19 10.65 -9.25
N GLY B 61 -6.26 11.53 -8.88
CA GLY B 61 -5.66 12.45 -9.83
C GLY B 61 -6.54 13.60 -10.29
N ILE B 62 -7.72 13.73 -9.73
CA ILE B 62 -8.65 14.81 -10.06
C ILE B 62 -8.59 15.82 -8.92
N LYS B 63 -8.30 17.08 -9.27
CA LYS B 63 -7.96 18.08 -8.27
C LYS B 63 -9.09 18.30 -7.26
N VAL B 64 -10.31 18.55 -7.74
CA VAL B 64 -11.40 18.88 -6.83
C VAL B 64 -11.74 17.71 -5.91
N ILE B 65 -11.64 16.49 -6.41
CA ILE B 65 -11.95 15.33 -5.57
C ILE B 65 -10.85 15.10 -4.53
N ASP B 66 -9.59 15.04 -4.97
CA ASP B 66 -8.49 14.72 -4.06
C ASP B 66 -8.36 15.76 -2.94
N SER B 67 -8.77 17.01 -3.19
CA SER B 67 -8.61 18.08 -2.22
C SER B 67 -9.85 18.26 -1.34
N LEU B 68 -11.04 18.27 -1.94
CA LEU B 68 -12.27 18.60 -1.21
C LEU B 68 -13.15 17.40 -0.91
N LEU B 69 -13.00 16.29 -1.63
CA LEU B 69 -13.85 15.11 -1.52
C LEU B 69 -12.99 13.85 -1.48
N THR B 70 -11.93 13.90 -0.68
CA THR B 70 -10.93 12.85 -0.73
C THR B 70 -11.54 11.49 -0.45
N CYS B 71 -11.31 10.55 -1.36
CA CYS B 71 -11.81 9.20 -1.20
C CYS B 71 -10.86 8.37 -0.34
N GLY B 72 -11.42 7.38 0.34
CA GLY B 72 -10.64 6.47 1.16
C GLY B 72 -10.64 5.08 0.55
N GLU B 73 -9.54 4.37 0.72
CA GLU B 73 -9.45 3.03 0.19
C GLU B 73 -10.47 2.13 0.88
N GLY B 74 -11.38 1.60 0.07
CA GLY B 74 -12.49 0.79 0.50
C GLY B 74 -13.83 1.47 0.64
N GLN B 75 -13.89 2.78 0.44
CA GLN B 75 -15.17 3.46 0.59
C GLN B 75 -16.01 3.27 -0.68
N ARG B 76 -17.32 3.44 -0.53
CA ARG B 76 -18.27 3.48 -1.62
C ARG B 76 -18.80 4.90 -1.77
N MET B 77 -18.61 5.45 -2.96
CA MET B 77 -18.94 6.82 -3.32
C MET B 77 -19.92 6.82 -4.48
N GLY B 78 -21.03 7.54 -4.33
CA GLY B 78 -21.98 7.70 -5.42
C GLY B 78 -21.64 8.91 -6.25
N ILE B 79 -21.98 8.83 -7.53
CA ILE B 79 -21.77 9.92 -8.48
C ILE B 79 -23.11 10.22 -9.15
N PHE B 80 -23.75 11.33 -8.76
CA PHE B 80 -25.10 11.69 -9.20
C PHE B 80 -25.08 12.73 -10.31
N ALA B 81 -25.78 12.43 -11.40
CA ALA B 81 -25.76 13.32 -12.57
C ALA B 81 -26.97 13.08 -13.45
N SER B 82 -27.38 14.14 -14.13
CA SER B 82 -28.35 14.04 -15.22
C SER B 82 -27.65 13.75 -16.54
N ALA B 83 -28.46 13.51 -17.58
CA ALA B 83 -27.90 13.28 -18.91
C ALA B 83 -27.15 14.51 -19.40
N GLY B 84 -26.07 14.28 -20.13
CA GLY B 84 -25.34 15.38 -20.72
C GLY B 84 -24.49 16.17 -19.75
N CYS B 85 -24.18 15.62 -18.57
CA CYS B 85 -23.36 16.34 -17.61
C CYS B 85 -21.95 15.76 -17.52
N GLY B 86 -21.53 14.98 -18.51
CA GLY B 86 -20.15 14.51 -18.49
C GLY B 86 -19.94 13.40 -17.50
N LYS B 87 -20.97 12.63 -17.19
CA LYS B 87 -20.84 11.58 -16.19
C LYS B 87 -19.83 10.51 -16.61
N THR B 88 -19.92 10.04 -17.85
CA THR B 88 -19.01 8.99 -18.33
C THR B 88 -17.57 9.49 -18.40
N PHE B 89 -17.39 10.75 -18.82
CA PHE B 89 -16.03 11.31 -18.91
C PHE B 89 -15.37 11.41 -17.54
N LEU B 90 -16.13 11.80 -16.50
CA LEU B 90 -15.54 11.83 -15.17
C LEU B 90 -15.04 10.46 -14.74
N MET B 91 -15.80 9.40 -15.06
CA MET B 91 -15.37 8.05 -14.74
C MET B 91 -14.14 7.63 -15.53
N ASN B 92 -14.07 8.01 -16.81
CA ASN B 92 -12.84 7.74 -17.56
C ASN B 92 -11.64 8.38 -16.88
N MET B 93 -11.79 9.63 -16.42
CA MET B 93 -10.72 10.27 -15.68
C MET B 93 -10.37 9.48 -14.43
N LEU B 94 -11.40 9.01 -13.71
CA LEU B 94 -11.19 8.26 -12.48
C LEU B 94 -10.40 6.99 -12.72
N ILE B 95 -10.59 6.36 -13.88
CA ILE B 95 -9.79 5.18 -14.22
C ILE B 95 -8.39 5.61 -14.64
N GLU B 96 -8.29 6.66 -15.46
CA GLU B 96 -7.03 6.99 -16.10
C GLU B 96 -6.03 7.53 -15.10
N HIS B 97 -6.51 8.32 -14.13
CA HIS B 97 -5.63 9.09 -13.27
C HIS B 97 -5.57 8.57 -11.84
N SER B 98 -6.24 7.49 -11.51
CA SER B 98 -6.10 6.88 -10.19
C SER B 98 -4.95 5.87 -10.20
N GLY B 99 -4.83 5.10 -9.12
CA GLY B 99 -3.73 4.16 -8.98
C GLY B 99 -4.10 2.83 -8.35
N ALA B 100 -5.22 2.25 -8.81
CA ALA B 100 -5.60 0.92 -8.36
C ALA B 100 -4.80 -0.14 -9.11
N ASP B 101 -4.71 -1.33 -8.50
CA ASP B 101 -4.09 -2.46 -9.20
C ASP B 101 -4.97 -2.94 -10.34
N ILE B 102 -6.29 -2.97 -10.13
CA ILE B 102 -7.24 -3.58 -11.05
C ILE B 102 -8.51 -2.75 -11.07
N TYR B 103 -9.11 -2.60 -12.26
CA TYR B 103 -10.38 -1.90 -12.45
C TYR B 103 -11.42 -2.86 -12.99
N VAL B 104 -12.57 -2.94 -12.32
CA VAL B 104 -13.68 -3.76 -12.78
C VAL B 104 -14.86 -2.85 -13.09
N ILE B 105 -15.26 -2.82 -14.37
CA ILE B 105 -16.30 -1.93 -14.86
C ILE B 105 -17.53 -2.77 -15.24
N GLY B 106 -18.67 -2.46 -14.61
CA GLY B 106 -19.95 -3.06 -14.95
C GLY B 106 -20.91 -2.12 -15.67
N LEU B 107 -21.27 -2.40 -16.93
CA LEU B 107 -22.23 -1.59 -17.69
C LEU B 107 -23.60 -2.28 -17.65
N ILE B 108 -24.49 -1.79 -16.80
CA ILE B 108 -25.87 -2.28 -16.69
C ILE B 108 -26.85 -1.58 -17.62
N GLY B 109 -27.32 -2.31 -18.64
CA GLY B 109 -28.58 -1.96 -19.28
C GLY B 109 -28.63 -0.80 -20.24
N GLU B 110 -27.51 -0.51 -20.89
CA GLU B 110 -27.45 0.57 -21.87
C GLU B 110 -27.30 -0.10 -23.24
N ALA B 111 -27.57 0.65 -24.30
CA ALA B 111 -27.47 0.14 -25.68
C ALA B 111 -26.11 -0.40 -26.06
N GLY B 112 -26.10 -1.11 -27.19
CA GLY B 112 -24.88 -1.73 -27.68
C GLY B 112 -23.87 -0.71 -28.15
N ARG B 113 -24.30 0.27 -28.94
CA ARG B 113 -23.47 1.44 -29.23
C ARG B 113 -22.63 1.89 -28.04
N GLU B 114 -23.16 1.78 -26.82
CA GLU B 114 -22.44 2.34 -25.68
C GLU B 114 -21.35 1.40 -25.19
N VAL B 115 -21.65 0.09 -25.12
CA VAL B 115 -20.63 -0.85 -24.68
C VAL B 115 -19.45 -0.85 -25.64
N THR B 116 -19.72 -0.79 -26.94
CA THR B 116 -18.61 -0.80 -27.88
C THR B 116 -17.82 0.51 -27.79
N GLU B 117 -18.51 1.63 -27.55
CA GLU B 117 -17.77 2.87 -27.41
C GLU B 117 -16.85 2.80 -26.20
N THR B 118 -17.29 2.13 -25.11
CA THR B 118 -16.46 1.98 -23.90
C THR B 118 -15.27 1.02 -24.17
N VAL B 119 -15.50 -0.09 -24.87
CA VAL B 119 -14.38 -0.98 -25.18
C VAL B 119 -13.36 -0.24 -26.04
N ASP B 120 -13.85 0.60 -26.96
CA ASP B 120 -12.94 1.34 -27.83
C ASP B 120 -12.08 2.28 -26.99
N TYR B 121 -12.69 2.90 -25.97
CA TYR B 121 -11.92 3.70 -25.03
C TYR B 121 -10.88 2.86 -24.29
N LEU B 122 -11.27 1.68 -23.82
CA LEU B 122 -10.36 0.78 -23.13
C LEU B 122 -9.21 0.35 -24.03
N LYS B 123 -9.49 0.10 -25.32
CA LYS B 123 -8.44 -0.34 -26.25
C LYS B 123 -7.28 0.62 -26.34
N ASN B 124 -7.55 1.91 -26.16
CA ASN B 124 -6.49 2.92 -26.21
C ASN B 124 -6.25 3.55 -24.85
N SER B 125 -6.74 2.94 -23.78
CA SER B 125 -6.41 3.39 -22.45
C SER B 125 -5.03 2.84 -22.06
N GLU B 126 -4.37 3.56 -21.15
CA GLU B 126 -3.10 3.06 -20.63
C GLU B 126 -3.30 2.07 -19.50
N LYS B 127 -4.53 1.89 -19.04
CA LYS B 127 -4.88 0.93 -18.01
C LYS B 127 -5.48 -0.35 -18.58
N LYS B 128 -5.45 -0.54 -19.91
CA LYS B 128 -6.24 -1.62 -20.52
C LYS B 128 -5.87 -2.96 -19.92
N SER B 129 -4.59 -3.16 -19.59
CA SER B 129 -4.16 -4.42 -19.02
C SER B 129 -4.59 -4.58 -17.56
N ARG B 130 -5.20 -3.56 -16.96
CA ARG B 130 -5.69 -3.65 -15.61
C ARG B 130 -7.21 -3.65 -15.49
N CYS B 131 -7.94 -3.69 -16.59
CA CYS B 131 -9.38 -3.53 -16.56
C CYS B 131 -10.09 -4.84 -16.90
N VAL B 132 -11.25 -5.04 -16.28
CA VAL B 132 -12.17 -6.08 -16.68
C VAL B 132 -13.51 -5.38 -16.91
N LEU B 133 -14.16 -5.69 -18.03
CA LEU B 133 -15.44 -5.08 -18.39
C LEU B 133 -16.55 -6.12 -18.35
N VAL B 134 -17.60 -5.82 -17.59
CA VAL B 134 -18.82 -6.61 -17.51
C VAL B 134 -19.93 -5.77 -18.12
N TYR B 135 -20.74 -6.38 -19.00
CA TYR B 135 -21.76 -5.64 -19.73
C TYR B 135 -23.05 -6.45 -19.74
N ALA B 136 -24.14 -5.71 -19.96
CA ALA B 136 -25.50 -6.24 -20.12
C ALA B 136 -26.27 -5.16 -20.85
N THR B 137 -26.56 -5.36 -22.13
CA THR B 137 -27.17 -4.30 -22.91
C THR B 137 -28.64 -4.10 -22.61
N SER B 138 -29.23 -3.12 -23.31
CA SER B 138 -30.66 -2.89 -23.11
C SER B 138 -31.49 -3.95 -23.85
N ASP B 139 -30.86 -4.67 -24.78
CA ASP B 139 -31.45 -5.79 -25.49
C ASP B 139 -31.60 -7.05 -24.64
N TYR B 140 -30.85 -7.16 -23.54
CA TYR B 140 -30.96 -8.32 -22.65
C TYR B 140 -32.05 -8.14 -21.61
N SER B 141 -32.35 -9.23 -20.91
CA SER B 141 -33.43 -9.23 -19.94
C SER B 141 -32.99 -8.53 -18.64
N SER B 142 -33.96 -8.29 -17.77
CA SER B 142 -33.72 -7.70 -16.45
C SER B 142 -32.92 -8.61 -15.52
N VAL B 143 -33.10 -9.93 -15.62
CA VAL B 143 -32.30 -10.84 -14.80
C VAL B 143 -30.82 -10.71 -15.16
N ASP B 144 -30.51 -10.64 -16.46
CA ASP B 144 -29.11 -10.51 -16.88
C ASP B 144 -28.48 -9.22 -16.36
N ARG B 145 -29.20 -8.10 -16.42
CA ARG B 145 -28.60 -6.85 -15.96
C ARG B 145 -28.31 -6.91 -14.47
N CYS B 146 -29.17 -7.57 -13.69
CA CYS B 146 -28.83 -7.73 -12.28
C CYS B 146 -27.57 -8.57 -12.16
N ASN B 147 -27.52 -9.70 -12.90
CA ASN B 147 -26.37 -10.58 -12.79
C ASN B 147 -25.10 -9.89 -13.25
N ALA B 148 -25.21 -8.88 -14.12
CA ALA B 148 -24.02 -8.15 -14.52
C ALA B 148 -23.39 -7.38 -13.36
N ALA B 149 -24.20 -6.87 -12.44
CA ALA B 149 -23.66 -6.20 -11.27
C ALA B 149 -23.06 -7.21 -10.29
N TYR B 150 -23.69 -8.38 -10.14
CA TYR B 150 -23.14 -9.40 -9.26
C TYR B 150 -21.85 -9.98 -9.82
N ILE B 151 -21.79 -10.15 -11.15
CA ILE B 151 -20.59 -10.71 -11.76
C ILE B 151 -19.43 -9.75 -11.62
N ALA B 152 -19.67 -8.46 -11.91
CA ALA B 152 -18.63 -7.45 -11.77
C ALA B 152 -18.17 -7.36 -10.32
N THR B 153 -19.10 -7.45 -9.38
CA THR B 153 -18.73 -7.38 -7.97
C THR B 153 -17.97 -8.63 -7.54
N ALA B 154 -18.40 -9.80 -8.03
CA ALA B 154 -17.73 -11.06 -7.66
C ALA B 154 -16.33 -11.14 -8.25
N ILE B 155 -16.12 -10.59 -9.45
CA ILE B 155 -14.77 -10.53 -10.03
C ILE B 155 -13.88 -9.63 -9.18
N ALA B 156 -14.39 -8.46 -8.80
CA ALA B 156 -13.64 -7.55 -7.93
C ALA B 156 -13.36 -8.20 -6.58
N GLU B 157 -14.31 -8.98 -6.07
CA GLU B 157 -14.13 -9.58 -4.74
C GLU B 157 -13.02 -10.61 -4.74
N PHE B 158 -12.93 -11.42 -5.81
CA PHE B 158 -11.84 -12.37 -5.92
C PHE B 158 -10.48 -11.69 -5.96
N PHE B 159 -10.35 -10.66 -6.81
CA PHE B 159 -9.10 -9.89 -6.87
C PHE B 159 -8.74 -9.31 -5.52
N ARG B 160 -9.74 -8.96 -4.73
CA ARG B 160 -9.50 -8.41 -3.40
C ARG B 160 -8.90 -9.46 -2.47
N THR B 161 -9.45 -10.68 -2.48
CA THR B 161 -8.87 -11.73 -1.64
C THR B 161 -7.43 -12.06 -2.04
N GLU B 162 -7.03 -11.83 -3.29
CA GLU B 162 -5.61 -11.97 -3.62
C GLU B 162 -4.78 -10.81 -3.10
N GLY B 163 -5.40 -9.82 -2.46
CA GLY B 163 -4.68 -8.71 -1.88
C GLY B 163 -4.55 -7.48 -2.75
N HIS B 164 -5.31 -7.39 -3.84
CA HIS B 164 -5.13 -6.28 -4.75
C HIS B 164 -6.04 -5.13 -4.33
N LYS B 165 -5.64 -3.93 -4.73
CA LYS B 165 -6.45 -2.72 -4.56
C LYS B 165 -7.29 -2.53 -5.80
N VAL B 166 -8.58 -2.83 -5.70
CA VAL B 166 -9.51 -2.91 -6.83
C VAL B 166 -10.46 -1.71 -6.80
N ALA B 167 -10.70 -1.12 -7.97
CA ALA B 167 -11.68 -0.07 -8.17
C ALA B 167 -12.86 -0.64 -8.95
N LEU B 168 -14.05 -0.52 -8.39
CA LEU B 168 -15.26 -1.06 -9.00
C LEU B 168 -16.20 0.06 -9.46
N PHE B 169 -16.69 -0.06 -10.70
CA PHE B 169 -17.63 0.91 -11.28
C PHE B 169 -18.89 0.19 -11.73
N ILE B 170 -20.03 0.61 -11.21
CA ILE B 170 -21.35 0.10 -11.59
C ILE B 170 -22.07 1.25 -12.27
N ASP B 171 -22.34 1.12 -13.57
CA ASP B 171 -22.97 2.17 -14.36
C ASP B 171 -24.09 1.55 -15.20
N SER B 172 -25.34 1.77 -14.78
CA SER B 172 -25.64 2.62 -13.62
C SER B 172 -26.42 1.84 -12.56
N LEU B 173 -26.35 2.31 -11.31
CA LEU B 173 -27.16 1.70 -10.26
C LEU B 173 -28.65 2.00 -10.37
N THR B 174 -29.04 3.13 -10.97
CA THR B 174 -30.46 3.40 -11.19
C THR B 174 -31.07 2.37 -12.13
N ARG B 175 -30.35 2.01 -13.19
CA ARG B 175 -30.84 1.06 -14.18
C ARG B 175 -30.72 -0.35 -13.65
N TYR B 176 -29.75 -0.60 -12.79
CA TYR B 176 -29.72 -1.86 -12.07
C TYR B 176 -31.00 -2.03 -11.26
N ALA B 177 -31.44 -0.97 -10.58
CA ALA B 177 -32.62 -1.06 -9.71
C ALA B 177 -33.90 -1.21 -10.54
N ARG B 178 -34.04 -0.40 -11.59
CA ARG B 178 -35.16 -0.56 -12.52
C ARG B 178 -35.18 -1.97 -13.11
N ALA B 179 -34.00 -2.56 -13.34
CA ALA B 179 -33.95 -3.96 -13.73
C ALA B 179 -34.49 -4.86 -12.64
N LEU B 180 -34.12 -4.55 -11.39
CA LEU B 180 -34.70 -5.26 -10.26
C LEU B 180 -36.20 -5.08 -10.23
N ARG B 181 -36.68 -3.90 -10.66
CA ARG B 181 -38.11 -3.60 -10.75
C ARG B 181 -38.81 -4.45 -11.80
N ASP B 182 -38.14 -4.71 -12.92
CA ASP B 182 -38.73 -5.60 -13.89
C ASP B 182 -38.78 -7.01 -13.31
N VAL B 183 -37.70 -7.39 -12.61
CA VAL B 183 -37.63 -8.68 -11.93
C VAL B 183 -38.67 -8.76 -10.81
N ALA B 184 -38.89 -7.65 -10.09
CA ALA B 184 -39.87 -7.64 -9.01
C ALA B 184 -41.28 -7.91 -9.52
N LEU B 185 -41.69 -7.25 -10.61
CA LEU B 185 -43.02 -7.54 -11.14
C LEU B 185 -43.12 -9.02 -11.54
N ALA B 186 -42.06 -9.56 -12.16
CA ALA B 186 -42.06 -10.98 -12.49
C ALA B 186 -42.24 -11.82 -11.24
N ALA B 187 -41.71 -11.34 -10.11
CA ALA B 187 -41.85 -11.95 -8.81
C ALA B 187 -43.10 -11.46 -8.09
N GLY B 188 -43.95 -10.71 -8.79
CA GLY B 188 -45.16 -10.14 -8.24
C GLY B 188 -44.85 -8.83 -7.54
N SER B 203 -32.62 -6.03 -1.21
CA SER B 203 -31.56 -6.73 -1.95
C SER B 203 -30.49 -5.74 -2.43
N LEU B 204 -30.89 -4.46 -2.45
CA LEU B 204 -30.01 -3.38 -2.90
C LEU B 204 -28.84 -3.17 -1.96
N PRO B 205 -29.03 -3.00 -0.65
CA PRO B 205 -27.87 -2.78 0.23
C PRO B 205 -26.91 -3.95 0.20
N ARG B 206 -27.38 -5.19 0.05
CA ARG B 206 -26.42 -6.29 -0.01
C ARG B 206 -25.46 -6.10 -1.17
N LEU B 207 -25.90 -5.52 -2.28
CA LEU B 207 -24.95 -5.25 -3.35
C LEU B 207 -23.94 -4.19 -2.91
N LEU B 208 -24.38 -3.17 -2.17
CA LEU B 208 -23.53 -2.08 -1.73
C LEU B 208 -22.71 -2.39 -0.48
N GLU B 209 -22.99 -3.50 0.22
CA GLU B 209 -22.17 -3.80 1.39
C GLU B 209 -20.97 -4.67 1.07
N ARG B 210 -20.88 -5.18 -0.14
CA ARG B 210 -19.80 -6.07 -0.52
C ARG B 210 -18.44 -5.36 -0.63
N PRO B 211 -18.36 -4.10 -1.10
CA PRO B 211 -17.06 -3.41 -1.13
C PRO B 211 -16.48 -3.16 0.26
N GLY B 212 -15.25 -2.66 0.27
CA GLY B 212 -14.55 -2.37 1.50
C GLY B 212 -13.15 -2.94 1.51
N LYS B 213 -12.37 -2.48 2.49
CA LYS B 213 -11.02 -2.97 2.71
C LYS B 213 -11.02 -4.06 3.78
N LEU B 214 -10.43 -5.21 3.47
CA LEU B 214 -10.36 -6.31 4.42
C LEU B 214 -9.10 -6.26 5.28
N LYS B 215 -9.26 -6.61 6.56
CA LYS B 215 -8.11 -6.80 7.42
C LYS B 215 -7.19 -7.88 6.87
N ALA B 216 -7.77 -8.90 6.23
CA ALA B 216 -7.02 -9.99 5.59
C ALA B 216 -6.20 -9.53 4.40
N GLY B 217 -6.41 -8.32 3.91
CA GLY B 217 -5.69 -7.81 2.77
C GLY B 217 -6.56 -7.51 1.58
N GLY B 218 -6.20 -6.49 0.80
CA GLY B 218 -6.96 -6.11 -0.36
C GLY B 218 -8.12 -5.19 -0.05
N SER B 219 -8.64 -4.56 -1.11
CA SER B 219 -9.72 -3.63 -0.93
C SER B 219 -10.47 -3.50 -2.25
N ILE B 220 -11.73 -3.10 -2.14
CA ILE B 220 -12.54 -2.66 -3.27
C ILE B 220 -13.03 -1.27 -2.94
N THR B 221 -12.63 -0.29 -3.75
CA THR B 221 -13.20 1.04 -3.69
C THR B 221 -14.17 1.16 -4.87
N ALA B 222 -15.45 1.42 -4.56
CA ALA B 222 -16.53 1.30 -5.52
C ALA B 222 -17.17 2.65 -5.83
N PHE B 223 -17.46 2.87 -7.10
CA PHE B 223 -18.15 4.06 -7.58
C PHE B 223 -19.44 3.63 -8.27
N TYR B 224 -20.56 4.13 -7.77
CA TYR B 224 -21.90 3.82 -8.27
C TYR B 224 -22.52 5.06 -8.85
N THR B 225 -22.91 4.96 -10.13
CA THR B 225 -23.55 6.07 -10.81
C THR B 225 -25.05 6.13 -10.56
N VAL B 226 -25.56 7.33 -10.27
CA VAL B 226 -26.98 7.48 -10.10
C VAL B 226 -27.44 8.52 -11.11
N LEU B 227 -28.36 8.13 -12.00
CA LEU B 227 -28.89 9.09 -12.98
C LEU B 227 -29.98 9.89 -12.30
N LEU B 228 -29.87 11.21 -12.30
CA LEU B 228 -30.95 12.05 -11.79
C LEU B 228 -32.04 12.35 -12.80
N GLU B 229 -33.30 12.14 -12.41
CA GLU B 229 -34.29 12.19 -13.46
C GLU B 229 -34.44 13.67 -13.80
N ASP B 230 -35.01 13.97 -14.97
CA ASP B 230 -35.19 15.38 -15.26
C ASP B 230 -33.85 16.10 -15.26
N ASP B 231 -33.56 16.91 -14.23
CA ASP B 231 -32.26 17.57 -14.11
C ASP B 231 -31.99 17.90 -12.65
N ASP B 232 -30.89 17.35 -12.12
CA ASP B 232 -30.49 17.59 -10.72
C ASP B 232 -31.64 17.30 -9.77
N PHE B 233 -32.54 16.39 -10.16
CA PHE B 233 -33.71 16.11 -9.36
C PHE B 233 -33.51 14.84 -8.56
N ALA B 234 -33.91 14.90 -7.31
CA ALA B 234 -33.61 13.88 -6.33
C ALA B 234 -34.89 13.07 -6.11
N ASP B 235 -35.09 12.11 -7.03
CA ASP B 235 -36.12 11.06 -6.92
C ASP B 235 -35.79 10.12 -5.77
N PRO B 236 -36.80 9.73 -4.90
CA PRO B 236 -36.52 8.84 -3.75
C PRO B 236 -35.36 7.84 -3.88
N LEU B 237 -35.19 7.18 -5.02
CA LEU B 237 -34.05 6.25 -5.17
C LEU B 237 -32.71 6.95 -4.93
N ALA B 238 -32.52 8.16 -5.45
CA ALA B 238 -31.30 8.93 -5.23
C ALA B 238 -30.98 9.10 -3.74
N GLU B 239 -32.01 9.32 -2.92
CA GLU B 239 -31.86 9.55 -1.48
C GLU B 239 -31.52 8.27 -0.72
N GLU B 240 -32.21 7.18 -1.04
CA GLU B 240 -31.91 5.98 -0.28
C GLU B 240 -30.52 5.48 -0.62
N VAL B 241 -30.04 5.73 -1.84
CA VAL B 241 -28.64 5.43 -2.14
C VAL B 241 -27.70 6.45 -1.51
N ARG B 242 -28.11 7.73 -1.44
CA ARG B 242 -27.26 8.75 -0.84
C ARG B 242 -26.99 8.48 0.63
N SER B 243 -27.96 7.88 1.33
CA SER B 243 -27.81 7.60 2.75
C SER B 243 -27.07 6.31 3.06
N ILE B 244 -26.78 5.48 2.06
CA ILE B 244 -26.12 4.19 2.28
C ILE B 244 -24.61 4.29 2.09
N LEU B 245 -24.16 5.07 1.11
CA LEU B 245 -22.77 5.16 0.72
C LEU B 245 -22.00 6.07 1.67
N ASP B 246 -20.68 6.07 1.51
CA ASP B 246 -19.78 6.87 2.32
C ASP B 246 -19.53 8.25 1.71
N GLY B 247 -20.47 8.76 0.93
CA GLY B 247 -20.34 10.05 0.28
C GLY B 247 -20.93 10.08 -1.11
N HIS B 248 -21.01 11.27 -1.71
CA HIS B 248 -21.58 11.40 -3.05
C HIS B 248 -20.98 12.60 -3.76
N ILE B 249 -20.68 12.41 -5.05
CA ILE B 249 -20.26 13.47 -5.96
C ILE B 249 -21.42 13.90 -6.85
N TYR B 250 -21.69 15.21 -6.90
CA TYR B 250 -22.84 15.78 -7.59
C TYR B 250 -22.39 16.54 -8.84
N LEU B 251 -22.83 16.08 -10.00
CA LEU B 251 -22.55 16.77 -11.26
C LEU B 251 -23.72 17.68 -11.60
N SER B 252 -23.47 18.98 -11.67
CA SER B 252 -24.53 19.95 -11.94
C SER B 252 -24.57 20.22 -13.43
N ARG B 253 -25.70 19.99 -14.07
CA ARG B 253 -25.82 20.36 -15.47
C ARG B 253 -25.70 21.87 -15.63
N ASN B 254 -26.06 22.63 -14.59
CA ASN B 254 -25.83 24.06 -14.61
C ASN B 254 -24.34 24.34 -14.76
N LEU B 255 -23.51 23.76 -13.91
CA LEU B 255 -22.06 23.95 -14.03
C LEU B 255 -21.55 23.38 -15.34
N ALA B 256 -22.14 22.28 -15.81
CA ALA B 256 -21.75 21.68 -17.09
C ALA B 256 -21.99 22.63 -18.26
N GLN B 257 -23.19 23.22 -18.35
CA GLN B 257 -23.53 24.13 -19.43
C GLN B 257 -22.74 25.42 -19.37
N LYS B 258 -22.22 25.76 -18.21
CA LYS B 258 -21.31 26.89 -18.04
C LYS B 258 -19.90 26.61 -18.56
N GLY B 259 -19.60 25.39 -18.98
CA GLY B 259 -18.30 25.02 -19.49
C GLY B 259 -17.29 24.57 -18.46
N GLN B 260 -17.71 24.28 -17.22
CA GLN B 260 -16.79 23.85 -16.18
C GLN B 260 -16.75 22.33 -16.18
N PHE B 261 -15.58 21.78 -16.52
CA PHE B 261 -15.42 20.35 -16.43
C PHE B 261 -14.25 20.02 -15.51
N PRO B 262 -14.39 19.09 -14.56
CA PRO B 262 -15.62 18.33 -14.30
C PRO B 262 -16.72 19.19 -13.68
N ALA B 263 -17.96 18.90 -14.05
CA ALA B 263 -19.11 19.66 -13.57
C ALA B 263 -19.49 19.33 -12.14
N ILE B 264 -18.47 19.15 -11.30
CA ILE B 264 -18.64 18.77 -9.90
C ILE B 264 -19.00 20.00 -9.08
N ASP B 265 -20.11 19.93 -8.35
CA ASP B 265 -20.51 20.97 -7.40
C ASP B 265 -19.91 20.60 -6.05
N SER B 266 -18.79 21.23 -5.70
CA SER B 266 -18.05 20.87 -4.51
C SER B 266 -18.88 21.09 -3.25
N LEU B 267 -19.64 22.17 -3.25
CA LEU B 267 -20.41 22.54 -2.07
C LEU B 267 -21.64 21.66 -1.83
N LYS B 268 -22.04 20.86 -2.82
CA LYS B 268 -23.16 19.93 -2.65
C LYS B 268 -22.73 18.47 -2.66
N SER B 269 -21.42 18.21 -2.67
CA SER B 269 -20.84 16.87 -2.60
C SER B 269 -20.10 16.68 -1.27
N ILE B 270 -19.88 15.42 -0.90
CA ILE B 270 -19.20 15.14 0.36
C ILE B 270 -18.60 13.75 0.33
N SER B 271 -17.45 13.60 0.98
CA SER B 271 -16.88 12.31 1.36
C SER B 271 -16.96 12.20 2.87
N ARG B 272 -17.73 11.22 3.36
CA ARG B 272 -17.94 11.10 4.79
C ARG B 272 -16.77 10.52 5.57
N VAL B 273 -15.77 9.96 4.89
CA VAL B 273 -14.53 9.52 5.52
C VAL B 273 -13.41 10.55 5.37
N PHE B 274 -13.75 11.76 4.91
CA PHE B 274 -12.76 12.78 4.57
C PHE B 274 -11.75 13.02 5.69
N THR B 275 -12.23 13.34 6.89
CA THR B 275 -11.32 13.62 8.00
C THR B 275 -10.52 12.40 8.44
N GLN B 276 -11.01 11.19 8.12
CA GLN B 276 -10.28 9.97 8.48
C GLN B 276 -9.11 9.69 7.56
N VAL B 277 -9.10 10.26 6.35
CA VAL B 277 -8.15 9.87 5.33
C VAL B 277 -7.23 11.01 4.91
N VAL B 278 -7.35 12.18 5.53
CA VAL B 278 -6.46 13.32 5.28
C VAL B 278 -5.94 13.80 6.62
N ASP B 279 -4.84 14.55 6.57
CA ASP B 279 -4.23 15.02 7.79
C ASP B 279 -4.79 16.39 8.16
N GLU B 280 -4.20 17.00 9.20
CA GLU B 280 -4.76 18.24 9.74
C GLU B 280 -4.56 19.40 8.78
N LYS B 281 -3.39 19.46 8.14
CA LYS B 281 -3.12 20.58 7.24
C LYS B 281 -4.01 20.51 5.99
N HIS B 282 -4.25 19.31 5.48
CA HIS B 282 -5.24 19.12 4.42
C HIS B 282 -6.62 19.59 4.89
N ARG B 283 -7.05 19.13 6.07
CA ARG B 283 -8.40 19.47 6.51
C ARG B 283 -8.58 20.96 6.69
N ILE B 284 -7.53 21.65 7.12
CA ILE B 284 -7.66 23.08 7.36
C ILE B 284 -7.82 23.83 6.04
N MET B 285 -7.00 23.48 5.04
CA MET B 285 -7.03 24.20 3.76
C MET B 285 -8.32 23.94 3.01
N ALA B 286 -8.81 22.69 3.06
CA ALA B 286 -10.06 22.36 2.40
C ALA B 286 -11.21 23.15 3.01
N ALA B 287 -11.21 23.30 4.34
CA ALA B 287 -12.24 24.10 4.97
C ALA B 287 -12.18 25.55 4.49
N ALA B 288 -10.96 26.09 4.37
CA ALA B 288 -10.78 27.47 3.91
C ALA B 288 -11.17 27.64 2.46
N PHE B 289 -10.89 26.65 1.61
CA PHE B 289 -11.26 26.77 0.21
C PHE B 289 -12.78 26.72 0.05
N ARG B 290 -13.44 25.86 0.84
CA ARG B 290 -14.89 25.76 0.79
C ARG B 290 -15.57 27.02 1.27
N GLU B 291 -14.96 27.73 2.23
CA GLU B 291 -15.50 29.02 2.64
C GLU B 291 -15.37 30.04 1.53
N LEU B 292 -14.28 29.99 0.77
CA LEU B 292 -14.10 30.89 -0.37
C LEU B 292 -15.07 30.57 -1.50
N LEU B 293 -15.33 29.27 -1.75
CA LEU B 293 -16.28 28.91 -2.79
C LEU B 293 -17.66 29.46 -2.47
N SER B 294 -18.10 29.27 -1.23
CA SER B 294 -19.40 29.79 -0.83
C SER B 294 -19.44 31.31 -0.87
N GLU B 295 -18.32 31.97 -0.55
CA GLU B 295 -18.26 33.42 -0.68
C GLU B 295 -18.37 33.84 -2.15
N ILE B 296 -17.78 33.05 -3.04
CA ILE B 296 -17.86 33.38 -4.46
C ILE B 296 -19.28 33.17 -4.97
N GLU B 297 -19.97 32.13 -4.48
CA GLU B 297 -21.35 31.91 -4.90
C GLU B 297 -22.25 33.06 -4.46
N GLU B 298 -22.04 33.58 -3.26
CA GLU B 298 -22.79 34.73 -2.76
C GLU B 298 -22.49 35.99 -3.56
N LEU B 299 -21.26 36.13 -4.07
CA LEU B 299 -20.92 37.28 -4.89
C LEU B 299 -21.53 37.19 -6.28
N ARG B 300 -21.60 35.98 -6.86
CA ARG B 300 -22.20 35.83 -8.18
C ARG B 300 -23.66 36.25 -8.17
N THR B 301 -24.37 35.90 -7.09
CA THR B 301 -25.77 36.33 -6.96
C THR B 301 -25.88 37.85 -6.82
N ILE B 302 -24.96 38.46 -6.08
CA ILE B 302 -24.96 39.91 -5.95
C ILE B 302 -24.70 40.58 -7.30
N ILE B 303 -23.76 40.05 -8.07
CA ILE B 303 -23.46 40.60 -9.39
C ILE B 303 -24.66 40.45 -10.30
N ASP B 304 -25.30 39.30 -10.19
CA ASP B 304 -26.47 38.96 -11.00
C ASP B 304 -27.62 39.92 -10.71
N PHE B 305 -27.77 40.33 -9.46
CA PHE B 305 -28.77 41.28 -9.05
C PHE B 305 -28.36 42.71 -9.40
N GLY B 306 -27.21 42.91 -10.03
CA GLY B 306 -26.77 44.25 -10.38
C GLY B 306 -26.33 45.09 -9.20
N GLU B 307 -25.85 44.47 -8.12
CA GLU B 307 -25.54 45.18 -6.88
C GLU B 307 -24.05 45.19 -6.57
N TYR B 308 -23.20 44.85 -7.52
CA TYR B 308 -21.76 44.83 -7.31
C TYR B 308 -21.14 46.03 -7.99
N LYS B 309 -20.47 46.87 -7.21
CA LYS B 309 -19.75 48.01 -7.75
C LYS B 309 -18.32 47.98 -7.20
N PRO B 310 -17.31 47.92 -8.07
CA PRO B 310 -15.93 47.84 -7.59
C PRO B 310 -15.60 49.03 -6.70
N GLY B 311 -14.80 48.78 -5.67
CA GLY B 311 -14.35 49.84 -4.81
C GLY B 311 -15.28 50.17 -3.67
N GLU B 312 -16.53 49.70 -3.69
CA GLU B 312 -17.46 50.03 -2.63
C GLU B 312 -17.32 49.11 -1.43
N ASN B 313 -16.88 47.87 -1.66
CA ASN B 313 -16.71 46.90 -0.59
C ASN B 313 -15.40 46.17 -0.83
N ALA B 314 -14.46 46.29 0.12
CA ALA B 314 -13.12 45.76 -0.09
C ALA B 314 -13.14 44.24 -0.11
N SER B 315 -13.89 43.62 0.81
CA SER B 315 -13.94 42.16 0.87
C SER B 315 -14.54 41.57 -0.40
N GLN B 316 -15.57 42.21 -0.95
CA GLN B 316 -16.16 41.73 -2.19
C GLN B 316 -15.16 41.82 -3.35
N ASP B 317 -14.38 42.90 -3.39
CA ASP B 317 -13.39 43.03 -4.45
C ASP B 317 -12.32 41.96 -4.34
N LYS B 318 -11.90 41.63 -3.11
CA LYS B 318 -10.94 40.55 -2.93
C LYS B 318 -11.52 39.23 -3.40
N ILE B 319 -12.78 38.96 -3.03
CA ILE B 319 -13.44 37.72 -3.45
C ILE B 319 -13.59 37.69 -4.97
N TYR B 320 -13.96 38.83 -5.57
CA TYR B 320 -14.11 38.90 -7.02
C TYR B 320 -12.81 38.56 -7.73
N ASN B 321 -11.69 39.08 -7.23
CA ASN B 321 -10.40 38.85 -7.85
C ASN B 321 -9.88 37.45 -7.59
N LYS B 322 -10.52 36.70 -6.72
CA LYS B 322 -10.17 35.31 -6.50
C LYS B 322 -10.92 34.37 -7.43
N ILE B 323 -11.97 34.86 -8.10
CA ILE B 323 -12.84 34.00 -8.90
C ILE B 323 -12.04 33.30 -10.00
N SER B 324 -11.13 34.05 -10.65
CA SER B 324 -10.40 33.50 -11.79
C SER B 324 -9.52 32.34 -11.36
N VAL B 325 -8.78 32.51 -10.26
CA VAL B 325 -7.87 31.47 -9.80
C VAL B 325 -8.64 30.28 -9.26
N VAL B 326 -9.81 30.51 -8.67
CA VAL B 326 -10.63 29.40 -8.18
C VAL B 326 -11.13 28.56 -9.35
N GLU B 327 -11.60 29.20 -10.43
CA GLU B 327 -12.11 28.44 -11.56
C GLU B 327 -10.99 27.61 -12.20
N SER B 328 -9.79 28.19 -12.32
CA SER B 328 -8.69 27.47 -12.95
C SER B 328 -8.21 26.31 -12.10
N PHE B 329 -8.40 26.36 -10.78
CA PHE B 329 -8.11 25.19 -9.95
C PHE B 329 -9.16 24.10 -10.15
N LEU B 330 -10.43 24.50 -10.16
CA LEU B 330 -11.52 23.54 -10.23
C LEU B 330 -11.54 22.82 -11.58
N LYS B 331 -11.32 23.55 -12.67
CA LYS B 331 -11.35 22.92 -13.99
C LYS B 331 -10.10 22.07 -14.23
N GLN B 332 -10.29 21.02 -15.02
CA GLN B 332 -9.20 20.07 -15.27
C GLN B 332 -9.34 19.46 -16.66
N ASP B 333 -8.29 19.56 -17.46
CA ASP B 333 -8.21 18.83 -18.71
C ASP B 333 -8.33 17.32 -18.44
N TYR B 334 -9.31 16.66 -19.08
CA TYR B 334 -9.54 15.25 -18.81
C TYR B 334 -8.32 14.39 -19.12
N ARG B 335 -7.37 14.92 -19.89
CA ARG B 335 -6.15 14.19 -20.19
C ARG B 335 -5.10 14.31 -19.10
N LEU B 336 -5.27 15.23 -18.14
CA LEU B 336 -4.23 15.52 -17.17
C LEU B 336 -4.57 14.92 -15.81
N GLY B 337 -3.59 14.32 -15.16
CA GLY B 337 -3.70 13.89 -13.78
C GLY B 337 -2.73 14.63 -12.87
N PHE B 338 -3.13 14.82 -11.63
CA PHE B 338 -2.34 15.55 -10.65
C PHE B 338 -2.00 14.68 -9.46
N THR B 339 -0.74 14.75 -9.02
CA THR B 339 -0.32 14.10 -7.80
C THR B 339 -0.92 14.79 -6.57
N TYR B 340 -0.96 14.05 -5.45
CA TYR B 340 -1.52 14.64 -4.25
C TYR B 340 -0.77 15.90 -3.83
N GLU B 341 0.54 15.91 -4.00
CA GLU B 341 1.34 17.07 -3.63
C GLU B 341 1.11 18.23 -4.58
N GLN B 342 0.94 17.94 -5.88
CA GLN B 342 0.63 18.99 -6.84
C GLN B 342 -0.71 19.64 -6.54
N THR B 343 -1.71 18.84 -6.18
CA THR B 343 -3.03 19.39 -5.87
C THR B 343 -2.97 20.28 -4.63
N MET B 344 -2.38 19.78 -3.55
CA MET B 344 -2.30 20.55 -2.31
C MET B 344 -1.44 21.80 -2.47
N GLU B 345 -0.43 21.76 -3.35
CA GLU B 345 0.33 22.98 -3.62
C GLU B 345 -0.52 23.98 -4.39
N LEU B 346 -1.27 23.51 -5.40
CA LEU B 346 -2.10 24.40 -6.21
C LEU B 346 -3.23 25.00 -5.40
N ILE B 347 -3.86 24.21 -4.54
CA ILE B 347 -4.90 24.74 -3.66
C ILE B 347 -4.33 25.60 -2.56
N GLY B 348 -3.03 25.46 -2.27
CA GLY B 348 -2.41 26.37 -1.32
C GLY B 348 -2.29 27.78 -1.84
N GLU B 349 -1.85 27.95 -3.09
CA GLU B 349 -1.76 29.30 -3.60
C GLU B 349 -3.12 29.86 -4.02
N THR B 350 -4.20 29.10 -3.92
CA THR B 350 -5.51 29.65 -4.24
C THR B 350 -6.10 30.44 -3.08
N ILE B 351 -5.76 30.09 -1.84
CA ILE B 351 -6.20 30.85 -0.67
C ILE B 351 -5.06 31.73 -0.16
N ARG B 352 -4.56 32.59 -1.03
CA ARG B 352 -3.51 33.57 -0.71
C ARG B 352 -2.18 32.85 -0.42
S SO4 C . 27.21 -0.56 13.24
O1 SO4 C . 26.05 -1.19 13.86
O2 SO4 C . 27.61 -1.33 12.08
O3 SO4 C . 26.87 0.80 12.83
O4 SO4 C . 28.31 -0.51 14.21
S SO4 D . -22.94 12.02 -20.23
O1 SO4 D . -23.44 10.69 -19.90
O2 SO4 D . -23.88 12.68 -21.13
O3 SO4 D . -22.79 12.79 -19.00
O4 SO4 D . -21.65 11.90 -20.90
#